data_5OWO
#
_entry.id   5OWO
#
_cell.length_a   101.242
_cell.length_b   175.560
_cell.length_c   50.444
_cell.angle_alpha   90.00
_cell.angle_beta   90.00
_cell.angle_gamma   90.00
#
_symmetry.space_group_name_H-M   'P 21 21 2'
#
loop_
_entity.id
_entity.type
_entity.pdbx_description
1 polymer 'Cytoplasmic dynein 1 heavy chain 1'
2 non-polymer GLYCEROL
3 non-polymer 'MAGNESIUM ION'
4 non-polymer 'CALCIUM ION'
5 non-polymer 'SODIUM ION'
6 non-polymer 'POTASSIUM ION'
7 water water
#
_entity_poly.entity_id   1
_entity_poly.type   'polypeptide(L)'
_entity_poly.pdbx_seq_one_letter_code
;(MSE)SEPGGGGGEDGSAGLEVSAVQNVADVSVLQKHLRKLVPLLLEDGGEAPAALEAALEEKSALEQ(MSE)RKFLSDP
QVHTVLVERSTLKEDVGDEGEEEKEFISYNINIDIHYGVKSNSLAFIKRTPVIDADKPVSSQLRVLTLSEDSPYETLHSF
ISNAVAPFFKSYIRESGKADRDGDK(MSE)APSVEKKIAELE(MSE)GLLHLQQNIE
;
_entity_poly.pdbx_strand_id   A,B,C,D
#
loop_
_chem_comp.id
_chem_comp.type
_chem_comp.name
_chem_comp.formula
CA non-polymer 'CALCIUM ION' 'Ca 2'
GOL non-polymer GLYCEROL 'C3 H8 O3'
K non-polymer 'POTASSIUM ION' 'K 1'
MG non-polymer 'MAGNESIUM ION' 'Mg 2'
NA non-polymer 'SODIUM ION' 'Na 1'
#
# COMPACT_ATOMS: atom_id res chain seq x y z
N GLN A 22 -10.32 28.02 -8.18
CA GLN A 22 -10.48 26.69 -7.55
C GLN A 22 -9.09 26.24 -7.09
N ASN A 23 -8.93 26.10 -5.78
CA ASN A 23 -7.71 25.58 -5.18
C ASN A 23 -8.05 24.19 -4.51
N VAL A 24 -7.34 23.14 -4.89
CA VAL A 24 -7.53 21.82 -4.28
C VAL A 24 -6.74 21.68 -2.98
N ALA A 25 -7.38 21.11 -1.96
CA ALA A 25 -6.70 20.91 -0.69
C ALA A 25 -5.46 20.06 -0.89
N ASP A 26 -4.40 20.44 -0.20
CA ASP A 26 -3.17 19.67 -0.21
C ASP A 26 -3.37 18.31 0.48
N VAL A 27 -2.57 17.32 0.10
CA VAL A 27 -2.66 16.01 0.73
C VAL A 27 -2.34 16.10 2.25
N SER A 28 -1.51 17.06 2.69
CA SER A 28 -1.20 17.22 4.13
C SER A 28 -2.48 17.53 4.93
N VAL A 29 -3.45 18.17 4.34
CA VAL A 29 -4.70 18.45 5.03
C VAL A 29 -5.44 17.14 5.41
N LEU A 30 -5.40 16.19 4.54
CA LEU A 30 -6.06 14.88 4.74
C LEU A 30 -5.21 14.08 5.69
N GLN A 31 -3.86 14.14 5.57
CA GLN A 31 -3.03 13.44 6.51
C GLN A 31 -3.25 13.91 7.92
N LYS A 32 -3.26 15.22 8.09
CA LYS A 32 -3.46 15.81 9.45
C LYS A 32 -4.78 15.40 10.10
N HIS A 33 -5.81 15.42 9.31
CA HIS A 33 -7.15 15.02 9.71
C HIS A 33 -7.17 13.57 10.13
N LEU A 34 -6.56 12.70 9.34
CA LEU A 34 -6.56 11.29 9.63
C LEU A 34 -5.75 10.96 10.87
N ARG A 35 -4.68 11.70 11.11
CA ARG A 35 -3.87 11.49 12.30
C ARG A 35 -4.73 11.66 13.56
N LYS A 36 -5.61 12.66 13.54
CA LYS A 36 -6.50 12.93 14.68
C LYS A 36 -7.68 12.00 14.73
N LEU A 37 -8.27 11.70 13.59
CA LEU A 37 -9.53 10.94 13.58
C LEU A 37 -9.39 9.45 13.75
N VAL A 38 -8.38 8.85 13.09
CA VAL A 38 -8.21 7.42 13.09
C VAL A 38 -8.06 6.82 14.49
N PRO A 39 -7.28 7.41 15.37
CA PRO A 39 -7.18 6.89 16.70
C PRO A 39 -8.44 6.84 17.51
N LEU A 40 -9.35 7.77 17.28
CA LEU A 40 -10.65 7.74 17.93
C LEU A 40 -11.60 6.74 17.37
N LEU A 41 -11.48 6.36 16.11
CA LEU A 41 -12.43 5.47 15.49
C LEU A 41 -11.90 4.05 15.35
N LEU A 42 -10.60 3.87 15.08
CA LEU A 42 -10.03 2.50 14.85
C LEU A 42 -9.09 1.98 15.94
N GLU A 43 -8.78 2.80 16.92
CA GLU A 43 -7.92 2.44 18.02
C GLU A 43 -8.71 2.78 19.28
N ASP A 44 -8.11 2.53 20.42
CA ASP A 44 -8.75 3.01 21.69
C ASP A 44 -8.15 4.33 22.12
N GLY A 45 -8.30 5.39 21.33
CA GLY A 45 -7.67 6.67 21.60
C GLY A 45 -6.13 6.62 21.54
N GLY A 46 -5.50 7.58 22.19
CA GLY A 46 -4.06 7.72 22.20
C GLY A 46 -3.57 8.47 20.98
N GLU A 47 -2.25 8.52 20.85
CA GLU A 47 -1.64 9.17 19.72
C GLU A 47 -1.78 8.28 18.44
N ALA A 48 -1.70 8.95 17.29
CA ALA A 48 -1.63 8.29 15.98
C ALA A 48 -0.50 7.22 16.06
N PRO A 49 -0.86 5.94 15.86
CA PRO A 49 0.22 4.94 16.00
C PRO A 49 1.24 5.01 14.81
N ALA A 50 2.47 4.54 15.04
CA ALA A 50 3.52 4.54 14.01
C ALA A 50 3.06 3.83 12.74
N ALA A 51 2.25 2.77 12.91
CA ALA A 51 1.73 2.03 11.80
C ALA A 51 0.85 2.90 10.92
N LEU A 52 0.08 3.82 11.51
CA LEU A 52 -0.68 4.72 10.71
C LEU A 52 0.19 5.73 9.98
N GLU A 53 1.19 6.29 10.68
CA GLU A 53 2.06 7.27 10.04
C GLU A 53 2.83 6.65 8.81
N ALA A 54 3.29 5.42 8.96
CA ALA A 54 3.89 4.69 7.80
C ALA A 54 2.93 4.59 6.60
N ALA A 55 1.67 4.26 6.85
CA ALA A 55 0.69 4.18 5.80
C ALA A 55 0.38 5.54 5.18
N LEU A 56 0.39 6.59 6.00
CA LEU A 56 0.18 7.95 5.49
C LEU A 56 1.34 8.48 4.70
N GLU A 57 2.54 7.92 4.87
CA GLU A 57 3.71 8.42 4.10
C GLU A 57 4.06 7.58 2.85
N GLU A 58 3.41 6.44 2.63
CA GLU A 58 3.62 5.66 1.39
C GLU A 58 3.39 6.44 0.15
N LYS A 59 4.31 6.34 -0.81
CA LYS A 59 4.13 7.02 -2.08
C LYS A 59 2.79 6.66 -2.75
N SER A 60 2.42 5.37 -2.71
CA SER A 60 1.19 4.89 -3.31
C SER A 60 -0.02 5.58 -2.66
N ALA A 61 0.02 5.68 -1.33
CA ALA A 61 -1.08 6.33 -0.57
C ALA A 61 -1.19 7.83 -0.86
N LEU A 62 -0.05 8.51 -0.99
CA LEU A 62 -0.01 9.94 -1.36
C LEU A 62 -0.68 10.13 -2.71
N GLU A 63 -0.41 9.25 -3.64
CA GLU A 63 -1.01 9.28 -4.95
C GLU A 63 -2.53 9.05 -4.90
N GLN A 64 -2.93 8.03 -4.16
CA GLN A 64 -4.35 7.68 -4.05
C GLN A 64 -5.10 8.89 -3.39
N MSE A 65 -4.52 9.43 -2.32
CA MSE A 65 -5.12 10.59 -1.59
C MSE A 65 -5.23 11.78 -2.47
O MSE A 65 -6.29 12.43 -2.52
CB MSE A 65 -4.40 10.91 -0.31
CG MSE A 65 -4.64 9.86 0.74
SE MSE A 65 -3.92 10.31 2.50
CE MSE A 65 -2.01 9.81 2.30
N ARG A 66 -4.18 12.07 -3.26
CA ARG A 66 -4.23 13.18 -4.20
C ARG A 66 -5.32 13.07 -5.26
N LYS A 67 -5.51 11.87 -5.77
CA LYS A 67 -6.61 11.60 -6.75
C LYS A 67 -7.95 11.81 -6.06
N PHE A 68 -8.06 11.33 -4.84
CA PHE A 68 -9.31 11.55 -4.10
C PHE A 68 -9.66 13.03 -3.93
N LEU A 69 -8.64 13.84 -3.59
CA LEU A 69 -8.83 15.29 -3.40
C LEU A 69 -9.19 15.97 -4.69
N SER A 70 -8.62 15.55 -5.82
CA SER A 70 -8.73 16.39 -7.03
C SER A 70 -9.52 15.85 -8.23
N ASP A 71 -9.82 14.58 -8.28
CA ASP A 71 -10.45 13.98 -9.44
C ASP A 71 -11.93 13.73 -9.15
N PRO A 72 -12.85 14.45 -9.83
CA PRO A 72 -14.28 14.23 -9.70
C PRO A 72 -14.76 12.77 -9.83
N GLN A 73 -14.03 11.95 -10.56
CA GLN A 73 -14.43 10.56 -10.77
C GLN A 73 -14.02 9.60 -9.59
N VAL A 74 -13.21 10.06 -8.63
CA VAL A 74 -12.80 9.22 -7.52
C VAL A 74 -13.67 9.74 -6.34
N HIS A 75 -14.55 8.92 -5.80
CA HIS A 75 -15.53 9.40 -4.79
C HIS A 75 -15.12 9.12 -3.36
N THR A 76 -14.19 8.20 -3.19
CA THR A 76 -13.91 7.58 -1.93
C THR A 76 -12.49 7.30 -1.65
N VAL A 77 -12.20 7.26 -0.34
CA VAL A 77 -10.93 6.75 0.16
C VAL A 77 -11.18 5.91 1.43
N LEU A 78 -10.46 4.80 1.55
CA LEU A 78 -10.60 3.79 2.69
C LEU A 78 -9.31 3.80 3.48
N VAL A 79 -9.41 4.01 4.80
CA VAL A 79 -8.30 3.77 5.70
C VAL A 79 -8.58 2.46 6.34
N GLU A 80 -7.73 1.47 6.09
CA GLU A 80 -7.98 0.10 6.51
C GLU A 80 -6.98 -0.32 7.55
N ARG A 81 -7.43 -0.75 8.73
CA ARG A 81 -6.58 -1.26 9.72
C ARG A 81 -6.68 -2.78 9.74
N SER A 82 -5.56 -3.51 9.55
CA SER A 82 -5.56 -4.96 9.48
C SER A 82 -4.78 -5.52 10.61
N THR A 83 -5.15 -6.70 11.08
CA THR A 83 -4.36 -7.38 12.07
C THR A 83 -3.91 -8.76 11.52
N LEU A 84 -2.71 -9.15 11.88
CA LEU A 84 -2.14 -10.39 11.50
C LEU A 84 -1.71 -11.12 12.78
N LYS A 85 -2.04 -12.39 12.91
CA LYS A 85 -1.49 -13.23 14.01
C LYS A 85 0.01 -13.45 13.81
N GLU A 86 0.81 -13.30 14.86
CA GLU A 86 2.26 -13.55 14.76
C GLU A 86 2.67 -14.90 15.33
N LYS A 96 -0.26 -13.00 19.95
CA LYS A 96 0.24 -11.65 19.58
C LYS A 96 -0.19 -11.17 18.17
N GLU A 97 -0.48 -9.87 18.05
CA GLU A 97 -1.12 -9.32 16.84
C GLU A 97 -0.20 -8.26 16.22
N PHE A 98 -0.10 -8.24 14.90
CA PHE A 98 0.64 -7.15 14.23
C PHE A 98 -0.35 -6.28 13.49
N ILE A 99 -0.32 -4.98 13.75
CA ILE A 99 -1.23 -4.02 13.16
C ILE A 99 -0.56 -3.34 11.97
N SER A 100 -1.32 -3.27 10.89
CA SER A 100 -0.93 -2.56 9.72
C SER A 100 -2.08 -1.70 9.21
N TYR A 101 -1.75 -0.55 8.61
CA TYR A 101 -2.71 0.31 7.95
C TYR A 101 -2.41 0.41 6.51
N ASN A 102 -3.43 0.69 5.69
CA ASN A 102 -3.26 0.88 4.29
C ASN A 102 -4.36 1.84 3.84
N ILE A 103 -3.98 2.76 2.96
CA ILE A 103 -4.89 3.78 2.46
C ILE A 103 -5.05 3.56 0.97
N ASN A 104 -6.26 3.43 0.49
CA ASN A 104 -6.50 3.25 -0.93
C ASN A 104 -7.93 3.68 -1.28
N ILE A 105 -8.19 3.96 -2.55
CA ILE A 105 -9.48 4.44 -3.00
C ILE A 105 -10.59 3.38 -2.86
N ASP A 106 -10.21 2.15 -3.01
CA ASP A 106 -11.22 1.03 -3.16
C ASP A 106 -11.90 0.67 -1.86
N ILE A 107 -13.24 0.65 -1.85
CA ILE A 107 -13.98 0.23 -0.67
C ILE A 107 -14.18 -1.27 -0.67
N HIS A 108 -13.64 -1.99 0.31
CA HIS A 108 -13.82 -3.45 0.34
C HIS A 108 -13.83 -3.95 1.76
N TYR A 109 -14.23 -5.22 1.90
CA TYR A 109 -14.25 -5.95 3.17
C TYR A 109 -12.94 -6.64 3.42
N GLY A 110 -12.48 -6.74 4.66
CA GLY A 110 -11.44 -7.70 5.00
C GLY A 110 -11.74 -8.44 6.24
N VAL A 111 -11.40 -9.75 6.27
CA VAL A 111 -11.78 -10.57 7.41
C VAL A 111 -11.13 -10.17 8.74
N LYS A 112 -9.95 -9.59 8.70
CA LYS A 112 -9.43 -9.08 9.97
C LYS A 112 -9.12 -7.57 9.82
N SER A 113 -10.02 -6.87 9.12
CA SER A 113 -9.83 -5.43 8.83
C SER A 113 -10.99 -4.62 9.39
N ASN A 114 -10.69 -3.51 10.02
CA ASN A 114 -11.70 -2.50 10.43
C ASN A 114 -11.29 -1.21 9.75
N SER A 115 -12.24 -0.54 9.09
CA SER A 115 -11.93 0.53 8.20
C SER A 115 -12.76 1.76 8.44
N LEU A 116 -12.23 2.87 7.94
CA LEU A 116 -12.93 4.17 7.89
C LEU A 116 -12.99 4.56 6.43
N ALA A 117 -14.19 4.82 5.92
CA ALA A 117 -14.36 5.23 4.54
C ALA A 117 -14.74 6.70 4.55
N PHE A 118 -14.11 7.48 3.67
CA PHE A 118 -14.51 8.81 3.41
C PHE A 118 -15.10 8.92 2.03
N ILE A 119 -16.19 9.62 1.91
CA ILE A 119 -16.86 9.87 0.61
C ILE A 119 -16.92 11.38 0.46
N LYS A 120 -16.53 11.87 -0.69
CA LYS A 120 -16.60 13.32 -0.89
C LYS A 120 -18.04 13.81 -1.17
N ARG A 121 -18.35 14.96 -0.61
CA ARG A 121 -19.66 15.54 -0.84
C ARG A 121 -19.72 16.28 -2.14
N THR A 122 -18.58 16.73 -2.64
CA THR A 122 -18.53 17.49 -3.88
C THR A 122 -17.40 16.93 -4.73
N PRO A 123 -17.32 17.32 -6.03
CA PRO A 123 -16.32 16.75 -6.91
C PRO A 123 -14.86 16.94 -6.53
N VAL A 124 -14.50 18.06 -5.94
CA VAL A 124 -13.14 18.23 -5.47
C VAL A 124 -13.18 18.77 -4.06
N ILE A 125 -12.16 18.47 -3.28
CA ILE A 125 -12.04 19.02 -1.96
C ILE A 125 -11.33 20.39 -2.05
N ASP A 126 -12.07 21.40 -1.69
CA ASP A 126 -11.65 22.79 -1.75
C ASP A 126 -10.72 23.12 -0.61
N ALA A 127 -9.56 23.66 -0.94
CA ALA A 127 -8.61 24.13 0.08
C ALA A 127 -9.10 25.23 0.99
N ASP A 128 -10.04 26.02 0.49
CA ASP A 128 -10.56 27.17 1.23
C ASP A 128 -11.74 26.88 2.13
N LYS A 129 -12.09 25.62 2.41
CA LYS A 129 -13.16 25.31 3.39
C LYS A 129 -12.66 24.21 4.28
N PRO A 130 -13.15 24.09 5.48
CA PRO A 130 -12.77 22.98 6.37
C PRO A 130 -12.96 21.61 5.70
N VAL A 131 -11.98 20.76 5.84
CA VAL A 131 -12.08 19.46 5.24
C VAL A 131 -13.26 18.65 5.79
N SER A 132 -13.56 18.75 7.08
CA SER A 132 -14.60 17.90 7.65
C SER A 132 -16.01 18.16 7.07
N SER A 133 -16.26 19.39 6.70
CA SER A 133 -17.52 19.81 6.08
C SER A 133 -17.68 19.29 4.65
N GLN A 134 -16.66 18.70 4.08
CA GLN A 134 -16.76 18.31 2.64
C GLN A 134 -16.79 16.76 2.48
N LEU A 135 -16.76 16.05 3.57
CA LEU A 135 -16.66 14.60 3.56
C LEU A 135 -17.83 13.98 4.25
N ARG A 136 -18.16 12.74 3.88
CA ARG A 136 -19.04 11.91 4.67
C ARG A 136 -18.15 10.79 5.19
N VAL A 137 -18.42 10.35 6.40
CA VAL A 137 -17.62 9.30 7.06
C VAL A 137 -18.54 8.11 7.37
N LEU A 138 -18.02 6.89 7.23
CA LEU A 138 -18.76 5.65 7.60
C LEU A 138 -17.65 4.72 8.09
N THR A 139 -17.86 3.99 9.19
CA THR A 139 -16.96 2.95 9.59
C THR A 139 -17.48 1.60 9.12
N LEU A 140 -16.53 0.71 8.83
CA LEU A 140 -16.81 -0.60 8.28
C LEU A 140 -15.99 -1.58 9.03
N SER A 141 -16.62 -2.31 9.92
CA SER A 141 -15.95 -3.25 10.80
C SER A 141 -15.55 -4.57 10.16
N GLU A 142 -14.97 -5.44 11.00
CA GLU A 142 -14.56 -6.76 10.62
C GLU A 142 -15.67 -7.79 10.77
N ASP A 143 -16.87 -7.34 11.13
CA ASP A 143 -18.01 -8.26 11.22
C ASP A 143 -18.48 -8.66 9.80
N SER A 144 -19.31 -9.70 9.71
CA SER A 144 -19.81 -10.17 8.44
C SER A 144 -20.47 -8.99 7.69
N PRO A 145 -20.10 -8.79 6.44
CA PRO A 145 -20.69 -7.63 5.76
C PRO A 145 -22.19 -7.65 5.65
N TYR A 146 -22.80 -8.84 5.69
CA TYR A 146 -24.22 -8.89 5.72
C TYR A 146 -24.73 -8.24 6.96
N GLU A 147 -24.08 -8.49 8.10
CA GLU A 147 -24.52 -7.89 9.32
C GLU A 147 -24.25 -6.35 9.37
N THR A 148 -23.04 -5.96 9.02
CA THR A 148 -22.69 -4.53 8.86
C THR A 148 -23.66 -3.73 8.00
N LEU A 149 -23.93 -4.26 6.84
CA LEU A 149 -24.87 -3.61 5.95
C LEU A 149 -26.30 -3.68 6.37
N HIS A 150 -26.76 -4.82 6.87
CA HIS A 150 -28.04 -4.84 7.51
C HIS A 150 -28.19 -3.72 8.57
N SER A 151 -27.19 -3.57 9.41
CA SER A 151 -27.28 -2.56 10.46
C SER A 151 -27.36 -1.14 9.93
N PHE A 152 -26.54 -0.79 8.94
CA PHE A 152 -26.63 0.55 8.35
C PHE A 152 -27.94 0.76 7.67
N ILE A 153 -28.49 -0.27 6.99
CA ILE A 153 -29.77 -0.05 6.24
C ILE A 153 -30.93 0.08 7.24
N SER A 154 -30.93 -0.80 8.24
CA SER A 154 -32.04 -0.92 9.21
C SER A 154 -32.04 0.22 10.18
N ASN A 155 -30.88 0.58 10.69
CA ASN A 155 -30.77 1.57 11.78
C ASN A 155 -30.46 2.99 11.34
N ALA A 156 -30.02 3.23 10.11
CA ALA A 156 -29.77 4.59 9.65
C ALA A 156 -30.49 4.96 8.37
N VAL A 157 -30.24 4.24 7.30
CA VAL A 157 -30.85 4.54 6.01
C VAL A 157 -32.40 4.53 6.09
N ALA A 158 -32.99 3.46 6.57
CA ALA A 158 -34.45 3.42 6.71
C ALA A 158 -35.06 4.56 7.50
N PRO A 159 -34.66 4.75 8.77
CA PRO A 159 -35.32 5.88 9.49
C PRO A 159 -35.00 7.25 8.97
N PHE A 160 -33.79 7.48 8.40
CA PHE A 160 -33.43 8.78 7.82
C PHE A 160 -34.36 9.09 6.62
N PHE A 161 -34.52 8.08 5.77
CA PHE A 161 -35.43 8.23 4.63
C PHE A 161 -36.91 8.46 5.04
N LYS A 162 -37.42 7.60 5.90
CA LYS A 162 -38.77 7.74 6.37
C LYS A 162 -39.00 9.03 7.10
N SER A 163 -38.00 9.50 7.84
CA SER A 163 -38.11 10.76 8.57
C SER A 163 -38.34 11.92 7.59
N TYR A 164 -37.66 11.86 6.45
CA TYR A 164 -37.76 12.89 5.41
C TYR A 164 -39.05 12.87 4.57
N ILE A 165 -39.46 11.70 4.09
CA ILE A 165 -40.65 11.68 3.25
C ILE A 165 -41.96 11.88 4.00
N ARG A 166 -41.99 11.45 5.24
CA ARG A 166 -43.09 11.76 6.17
C ARG A 166 -43.28 13.29 6.35
N GLU A 167 -42.22 14.09 6.15
CA GLU A 167 -42.20 15.56 6.32
C GLU A 167 -41.21 16.24 5.34
N LYS A 177 -43.60 10.42 -5.68
CA LYS A 177 -44.23 9.16 -6.15
C LYS A 177 -43.31 7.93 -6.37
N MSE A 178 -42.09 8.19 -6.81
CA MSE A 178 -41.00 7.24 -6.60
C MSE A 178 -40.75 7.02 -5.10
O MSE A 178 -40.25 5.99 -4.72
CB MSE A 178 -39.82 7.92 -7.29
CG MSE A 178 -38.44 7.28 -7.16
SE MSE A 178 -38.37 5.56 -8.13
CE MSE A 178 -38.69 6.24 -9.98
N ALA A 179 -41.10 7.96 -4.23
CA ALA A 179 -40.72 7.90 -2.82
C ALA A 179 -41.26 6.68 -2.05
N PRO A 180 -42.58 6.39 -2.11
CA PRO A 180 -43.04 5.17 -1.45
C PRO A 180 -42.45 3.90 -2.09
N SER A 181 -42.17 3.89 -3.38
CA SER A 181 -41.54 2.70 -3.92
C SER A 181 -40.03 2.54 -3.41
N VAL A 182 -39.30 3.64 -3.20
CA VAL A 182 -37.94 3.59 -2.60
C VAL A 182 -38.08 3.14 -1.17
N GLU A 183 -39.10 3.56 -0.44
CA GLU A 183 -39.28 3.09 0.95
C GLU A 183 -39.45 1.55 1.00
N LYS A 184 -40.23 0.99 0.07
CA LYS A 184 -40.39 -0.45 -0.03
C LYS A 184 -39.10 -1.11 -0.44
N LYS A 185 -38.37 -0.49 -1.36
CA LYS A 185 -37.13 -1.06 -1.76
C LYS A 185 -36.11 -1.13 -0.59
N ILE A 186 -36.10 -0.12 0.27
CA ILE A 186 -35.24 -0.20 1.46
C ILE A 186 -35.63 -1.37 2.38
N ALA A 187 -36.91 -1.54 2.63
CA ALA A 187 -37.45 -2.68 3.39
C ALA A 187 -37.08 -4.00 2.77
N GLU A 188 -37.13 -4.11 1.44
CA GLU A 188 -36.72 -5.37 0.80
C GLU A 188 -35.25 -5.61 0.91
N LEU A 189 -34.45 -4.58 0.78
CA LEU A 189 -33.02 -4.73 0.95
C LEU A 189 -32.69 -5.16 2.38
N GLU A 190 -33.33 -4.54 3.34
CA GLU A 190 -33.12 -4.85 4.73
C GLU A 190 -33.40 -6.33 5.01
N MSE A 191 -34.53 -6.80 4.54
CA MSE A 191 -34.92 -8.17 4.75
C MSE A 191 -33.98 -9.11 4.04
O MSE A 191 -33.62 -10.12 4.58
CB MSE A 191 -36.33 -8.22 4.22
CG MSE A 191 -36.77 -9.60 3.94
SE MSE A 191 -38.50 -9.88 4.80
CE MSE A 191 -37.49 -10.19 6.38
N GLY A 192 -33.55 -8.78 2.85
CA GLY A 192 -32.61 -9.59 2.13
C GLY A 192 -31.28 -9.76 2.84
N LEU A 193 -30.76 -8.68 3.40
CA LEU A 193 -29.50 -8.74 4.14
C LEU A 193 -29.69 -9.52 5.43
N LEU A 194 -30.84 -9.33 6.06
CA LEU A 194 -31.15 -10.09 7.28
C LEU A 194 -31.07 -11.59 6.99
N HIS A 195 -31.68 -12.01 5.89
CA HIS A 195 -31.70 -13.47 5.57
C HIS A 195 -30.34 -13.94 5.28
N LEU A 196 -29.54 -13.16 4.54
CA LEU A 196 -28.14 -13.55 4.26
C LEU A 196 -27.30 -13.77 5.50
N GLN A 197 -27.50 -12.93 6.50
CA GLN A 197 -26.78 -13.08 7.73
C GLN A 197 -27.22 -14.31 8.50
N GLN A 198 -28.54 -14.46 8.59
CA GLN A 198 -29.13 -15.61 9.26
C GLN A 198 -28.65 -16.89 8.69
N ASN A 199 -28.48 -16.95 7.37
CA ASN A 199 -28.06 -18.19 6.73
C ASN A 199 -26.63 -18.60 7.08
N ILE A 200 -25.76 -17.68 7.52
CA ILE A 200 -24.40 -18.10 7.94
C ILE A 200 -24.20 -18.11 9.47
N GLU A 201 -25.24 -17.94 10.27
CA GLU A 201 -25.03 -17.83 11.71
C GLU A 201 -24.66 -19.18 12.35
N ASN B 23 36.91 -2.54 11.96
CA ASN B 23 36.69 -4.01 12.01
C ASN B 23 36.10 -4.48 10.63
N VAL B 24 37.00 -4.95 9.76
CA VAL B 24 36.65 -5.43 8.43
C VAL B 24 36.07 -6.88 8.53
N ALA B 25 35.08 -7.16 7.71
CA ALA B 25 34.48 -8.48 7.66
C ALA B 25 35.42 -9.60 7.21
N ASP B 26 35.32 -10.75 7.91
CA ASP B 26 36.05 -11.94 7.51
C ASP B 26 35.38 -12.58 6.25
N VAL B 27 36.18 -13.29 5.46
CA VAL B 27 35.71 -13.98 4.26
C VAL B 27 34.54 -14.95 4.54
N SER B 28 34.47 -15.57 5.73
CA SER B 28 33.38 -16.48 6.06
C SER B 28 32.05 -15.78 6.08
N VAL B 29 32.01 -14.46 6.34
CA VAL B 29 30.73 -13.72 6.36
C VAL B 29 30.14 -13.71 4.91
N LEU B 30 30.97 -13.45 3.93
CA LEU B 30 30.54 -13.47 2.51
C LEU B 30 30.18 -14.90 2.05
N GLN B 31 31.00 -15.88 2.42
CA GLN B 31 30.66 -17.30 2.11
C GLN B 31 29.33 -17.70 2.65
N LYS B 32 29.02 -17.34 3.91
CA LYS B 32 27.78 -17.79 4.51
C LYS B 32 26.58 -17.20 3.81
N HIS B 33 26.76 -15.95 3.42
CA HIS B 33 25.71 -15.18 2.79
C HIS B 33 25.41 -15.80 1.41
N LEU B 34 26.48 -16.14 0.67
CA LEU B 34 26.33 -16.71 -0.66
C LEU B 34 25.72 -18.09 -0.61
N ARG B 35 26.01 -18.84 0.45
CA ARG B 35 25.45 -20.17 0.61
C ARG B 35 23.93 -20.07 0.71
N LYS B 36 23.43 -18.99 1.30
CA LYS B 36 21.97 -18.79 1.43
C LYS B 36 21.31 -18.14 0.22
N LEU B 37 21.98 -17.17 -0.39
CA LEU B 37 21.43 -16.42 -1.49
C LEU B 37 21.48 -17.12 -2.83
N VAL B 38 22.61 -17.77 -3.11
CA VAL B 38 22.79 -18.33 -4.41
C VAL B 38 21.71 -19.29 -4.79
N PRO B 39 21.38 -20.23 -3.93
CA PRO B 39 20.30 -21.16 -4.25
C PRO B 39 18.93 -20.54 -4.49
N LEU B 40 18.62 -19.38 -3.92
CA LEU B 40 17.37 -18.72 -4.28
C LEU B 40 17.38 -18.03 -5.62
N LEU B 41 18.54 -17.53 -6.03
CA LEU B 41 18.61 -16.72 -7.23
C LEU B 41 19.12 -17.51 -8.44
N LEU B 42 20.00 -18.51 -8.26
CA LEU B 42 20.56 -19.18 -9.43
C LEU B 42 20.20 -20.64 -9.55
N GLU B 43 19.55 -21.18 -8.52
CA GLU B 43 19.01 -22.54 -8.57
C GLU B 43 17.48 -22.43 -8.34
N ASP B 44 16.79 -23.55 -8.34
CA ASP B 44 15.36 -23.57 -7.95
C ASP B 44 15.26 -23.89 -6.45
N GLY B 45 15.78 -23.01 -5.60
CA GLY B 45 15.82 -23.21 -4.16
C GLY B 45 16.65 -24.41 -3.77
N GLY B 46 16.32 -24.99 -2.61
CA GLY B 46 17.06 -26.14 -2.09
C GLY B 46 18.32 -25.67 -1.39
N GLU B 47 19.12 -26.62 -0.94
CA GLU B 47 20.32 -26.26 -0.22
C GLU B 47 21.45 -25.84 -1.23
N ALA B 48 22.47 -25.16 -0.72
CA ALA B 48 23.64 -24.85 -1.54
C ALA B 48 24.21 -26.14 -2.21
N PRO B 49 24.31 -26.18 -3.54
CA PRO B 49 24.89 -27.45 -4.13
C PRO B 49 26.39 -27.59 -3.80
N ALA B 50 26.89 -28.83 -3.85
CA ALA B 50 28.30 -29.08 -3.60
C ALA B 50 29.18 -28.27 -4.58
N ALA B 51 28.68 -28.04 -5.80
CA ALA B 51 29.41 -27.28 -6.78
C ALA B 51 29.67 -25.87 -6.31
N LEU B 52 28.69 -25.28 -5.56
CA LEU B 52 28.88 -23.93 -5.05
C LEU B 52 29.94 -23.94 -3.93
N GLU B 53 29.83 -24.94 -3.08
CA GLU B 53 30.80 -25.10 -1.97
C GLU B 53 32.21 -25.25 -2.51
N ALA B 54 32.36 -26.04 -3.56
CA ALA B 54 33.71 -26.17 -4.19
C ALA B 54 34.26 -24.82 -4.66
N ALA B 55 33.38 -24.02 -5.25
CA ALA B 55 33.78 -22.73 -5.71
C ALA B 55 34.16 -21.76 -4.59
N LEU B 56 33.47 -21.83 -3.46
CA LEU B 56 33.71 -20.93 -2.36
C LEU B 56 35.01 -21.25 -1.60
N GLU B 57 35.55 -22.44 -1.84
CA GLU B 57 36.79 -22.91 -1.14
C GLU B 57 38.00 -22.88 -2.03
N GLU B 58 37.90 -22.58 -3.33
CA GLU B 58 39.12 -22.38 -4.19
C GLU B 58 39.98 -21.29 -3.65
N LYS B 59 41.31 -21.46 -3.74
CA LYS B 59 42.23 -20.51 -3.19
C LYS B 59 42.08 -19.17 -3.90
N SER B 60 42.03 -19.21 -5.22
CA SER B 60 41.85 -18.01 -6.07
C SER B 60 40.56 -17.19 -5.67
N ALA B 61 39.47 -17.92 -5.47
CA ALA B 61 38.22 -17.35 -5.01
C ALA B 61 38.36 -16.72 -3.64
N LEU B 62 39.03 -17.40 -2.75
CA LEU B 62 39.25 -16.87 -1.42
C LEU B 62 40.04 -15.55 -1.45
N GLU B 63 41.08 -15.47 -2.22
CA GLU B 63 41.86 -14.26 -2.32
C GLU B 63 41.05 -13.10 -2.92
N GLN B 64 40.31 -13.39 -3.95
CA GLN B 64 39.47 -12.39 -4.59
C GLN B 64 38.39 -11.86 -3.68
N MSE B 65 37.72 -12.74 -2.95
CA MSE B 65 36.77 -12.33 -1.94
C MSE B 65 37.38 -11.50 -0.86
O MSE B 65 36.74 -10.56 -0.37
CB MSE B 65 36.01 -13.55 -1.36
CG MSE B 65 35.15 -14.22 -2.38
SE MSE B 65 33.93 -15.58 -1.61
CE MSE B 65 35.17 -17.13 -1.58
N ARG B 66 38.60 -11.85 -0.44
CA ARG B 66 39.29 -11.10 0.60
C ARG B 66 39.54 -9.68 0.12
N LYS B 67 39.98 -9.58 -1.13
CA LYS B 67 40.24 -8.31 -1.75
C LYS B 67 38.97 -7.45 -1.81
N PHE B 68 37.90 -8.07 -2.25
CA PHE B 68 36.61 -7.43 -2.34
C PHE B 68 36.21 -6.83 -1.02
N LEU B 69 36.39 -7.58 0.05
CA LEU B 69 36.01 -7.10 1.34
C LEU B 69 36.85 -5.93 1.84
N SER B 70 38.13 -5.92 1.48
CA SER B 70 39.09 -5.06 2.19
C SER B 70 39.70 -3.94 1.35
N ASP B 71 39.74 -4.10 0.05
CA ASP B 71 40.41 -3.20 -0.82
C ASP B 71 39.44 -2.19 -1.49
N PRO B 72 39.58 -0.88 -1.22
CA PRO B 72 38.69 0.10 -1.85
C PRO B 72 38.65 0.09 -3.38
N GLN B 73 39.69 -0.36 -4.04
CA GLN B 73 39.71 -0.37 -5.49
C GLN B 73 39.10 -1.58 -6.16
N VAL B 74 38.71 -2.58 -5.39
CA VAL B 74 37.96 -3.70 -5.97
C VAL B 74 36.50 -3.45 -5.60
N HIS B 75 35.63 -3.35 -6.59
CA HIS B 75 34.25 -2.88 -6.32
C HIS B 75 33.21 -4.01 -6.33
N THR B 76 33.57 -5.11 -6.94
CA THR B 76 32.62 -6.12 -7.36
C THR B 76 33.14 -7.52 -7.26
N VAL B 77 32.20 -8.45 -7.08
CA VAL B 77 32.48 -9.85 -7.21
C VAL B 77 31.31 -10.54 -7.94
N LEU B 78 31.61 -11.53 -8.80
CA LEU B 78 30.59 -12.24 -9.56
C LEU B 78 30.58 -13.70 -9.11
N VAL B 79 29.39 -14.27 -8.96
CA VAL B 79 29.23 -15.73 -8.75
C VAL B 79 28.60 -16.18 -9.99
N GLU B 80 29.28 -17.02 -10.73
CA GLU B 80 28.88 -17.40 -12.02
C GLU B 80 28.58 -18.88 -12.04
N ARG B 81 27.39 -19.24 -12.49
CA ARG B 81 26.91 -20.61 -12.61
C ARG B 81 26.92 -21.03 -14.08
N SER B 82 27.70 -22.04 -14.40
CA SER B 82 27.87 -22.54 -15.79
C SER B 82 27.38 -23.95 -15.91
N THR B 83 26.81 -24.27 -17.07
CA THR B 83 26.39 -25.63 -17.35
C THR B 83 27.15 -26.09 -18.57
N LEU B 84 27.46 -27.35 -18.55
CA LEU B 84 28.12 -28.03 -19.60
C LEU B 84 27.22 -29.24 -19.92
N LYS B 85 26.98 -29.50 -21.21
CA LYS B 85 26.19 -30.68 -21.65
C LYS B 85 27.07 -31.97 -21.61
N GLU B 97 23.23 -32.31 -17.54
CA GLU B 97 23.93 -31.05 -17.50
C GLU B 97 24.86 -31.09 -16.30
N PHE B 98 26.13 -30.76 -16.49
CA PHE B 98 27.03 -30.72 -15.36
C PHE B 98 27.11 -29.25 -14.90
N ILE B 99 26.85 -28.99 -13.65
CA ILE B 99 26.86 -27.61 -13.12
C ILE B 99 28.20 -27.27 -12.42
N SER B 100 28.73 -26.11 -12.72
CA SER B 100 29.95 -25.59 -12.16
C SER B 100 29.71 -24.14 -11.68
N TYR B 101 30.31 -23.78 -10.56
CA TYR B 101 30.35 -22.39 -10.15
C TYR B 101 31.77 -21.79 -10.18
N ASN B 102 31.87 -20.48 -10.30
CA ASN B 102 33.18 -19.83 -10.18
C ASN B 102 32.98 -18.43 -9.61
N ILE B 103 33.83 -18.02 -8.68
CA ILE B 103 33.77 -16.71 -8.06
C ILE B 103 35.00 -15.93 -8.53
N ASN B 104 34.78 -14.73 -9.08
CA ASN B 104 35.88 -13.87 -9.50
C ASN B 104 35.42 -12.39 -9.39
N ILE B 105 36.37 -11.46 -9.34
CA ILE B 105 36.06 -10.05 -9.31
C ILE B 105 35.41 -9.55 -10.62
N ASP B 106 35.90 -10.09 -11.72
CA ASP B 106 35.55 -9.63 -13.08
C ASP B 106 34.06 -9.87 -13.46
N ILE B 107 33.34 -8.83 -13.91
CA ILE B 107 31.93 -8.92 -14.32
C ILE B 107 31.91 -9.15 -15.81
N HIS B 108 31.40 -10.28 -16.23
CA HIS B 108 31.35 -10.62 -17.65
C HIS B 108 30.17 -11.50 -18.03
N TYR B 109 29.94 -11.62 -19.33
CA TYR B 109 28.85 -12.43 -19.90
C TYR B 109 29.38 -13.78 -20.19
N GLY B 110 28.56 -14.82 -20.04
CA GLY B 110 28.84 -16.11 -20.70
C GLY B 110 27.62 -16.77 -21.25
N VAL B 111 27.80 -17.39 -22.41
CA VAL B 111 26.64 -17.97 -23.12
C VAL B 111 25.98 -19.08 -22.36
N LYS B 112 26.75 -19.76 -21.53
CA LYS B 112 26.14 -20.82 -20.75
C LYS B 112 26.13 -20.47 -19.29
N SER B 113 26.17 -19.15 -18.96
CA SER B 113 26.37 -18.74 -17.57
C SER B 113 25.22 -17.84 -17.11
N ASN B 114 24.82 -18.08 -15.88
CA ASN B 114 23.89 -17.23 -15.14
C ASN B 114 24.62 -16.78 -13.86
N SER B 115 24.61 -15.46 -13.58
CA SER B 115 25.44 -14.92 -12.57
C SER B 115 24.72 -13.98 -11.65
N LEU B 116 25.32 -13.79 -10.49
CA LEU B 116 24.88 -12.86 -9.44
C LEU B 116 26.08 -11.93 -9.25
N ALA B 117 25.88 -10.63 -9.38
CA ALA B 117 26.93 -9.64 -9.18
C ALA B 117 26.69 -8.91 -7.89
N PHE B 118 27.74 -8.76 -7.09
CA PHE B 118 27.68 -8.01 -5.84
C PHE B 118 28.59 -6.78 -6.03
N ILE B 119 28.09 -5.60 -5.69
CA ILE B 119 28.82 -4.36 -5.76
C ILE B 119 28.85 -3.76 -4.36
N LYS B 120 30.04 -3.45 -3.85
CA LYS B 120 30.10 -2.78 -2.54
C LYS B 120 29.51 -1.37 -2.53
N ARG B 121 28.70 -1.02 -1.52
CA ARG B 121 28.23 0.34 -1.32
C ARG B 121 29.29 1.29 -0.76
N THR B 122 30.21 0.77 0.05
CA THR B 122 31.27 1.56 0.68
C THR B 122 32.69 0.96 0.36
N PRO B 123 33.77 1.69 0.67
CA PRO B 123 35.06 1.15 0.28
C PRO B 123 35.43 -0.18 0.91
N VAL B 124 34.99 -0.46 2.12
CA VAL B 124 35.23 -1.76 2.71
C VAL B 124 33.98 -2.27 3.35
N ILE B 125 33.91 -3.59 3.51
CA ILE B 125 32.82 -4.23 4.19
C ILE B 125 33.19 -4.38 5.69
N ASP B 126 32.36 -3.80 6.54
CA ASP B 126 32.47 -3.76 8.00
C ASP B 126 31.82 -4.96 8.70
N ALA B 127 32.51 -5.59 9.68
CA ALA B 127 31.97 -6.74 10.43
C ALA B 127 30.82 -6.37 11.36
N ASP B 128 30.78 -5.10 11.73
CA ASP B 128 29.84 -4.64 12.71
C ASP B 128 28.52 -4.21 12.08
N LYS B 129 28.36 -4.36 10.77
CA LYS B 129 27.03 -4.13 10.19
C LYS B 129 26.61 -5.30 9.33
N PRO B 130 25.29 -5.50 9.16
CA PRO B 130 24.83 -6.61 8.33
C PRO B 130 25.50 -6.55 6.94
N VAL B 131 25.90 -7.68 6.40
CA VAL B 131 26.58 -7.62 5.11
C VAL B 131 25.63 -7.20 3.95
N SER B 132 24.37 -7.60 4.05
CA SER B 132 23.35 -7.25 3.06
C SER B 132 23.10 -5.77 2.95
N SER B 133 23.24 -5.05 4.04
CA SER B 133 23.10 -3.61 4.00
C SER B 133 24.28 -2.96 3.33
N GLN B 134 25.34 -3.72 2.97
CA GLN B 134 26.54 -3.09 2.49
C GLN B 134 26.82 -3.42 1.00
N LEU B 135 25.95 -4.21 0.39
CA LEU B 135 26.13 -4.67 -0.97
C LEU B 135 24.94 -4.23 -1.81
N ARG B 136 25.15 -4.08 -3.10
CA ARG B 136 24.12 -3.98 -4.09
C ARG B 136 24.18 -5.30 -4.86
N VAL B 137 23.03 -5.84 -5.24
CA VAL B 137 22.98 -7.10 -6.00
C VAL B 137 22.27 -6.87 -7.36
N LEU B 138 22.72 -7.56 -8.40
CA LEU B 138 22.15 -7.47 -9.76
C LEU B 138 22.29 -8.89 -10.28
N THR B 139 21.27 -9.53 -10.88
CA THR B 139 21.48 -10.81 -11.55
C THR B 139 21.74 -10.56 -13.00
N LEU B 140 22.52 -11.42 -13.62
CA LEU B 140 22.92 -11.30 -14.99
C LEU B 140 22.75 -12.64 -15.68
N SER B 141 21.78 -12.72 -16.55
CA SER B 141 21.37 -14.03 -17.09
C SER B 141 22.17 -14.42 -18.33
N GLU B 142 21.80 -15.56 -18.89
CA GLU B 142 22.39 -16.10 -20.14
C GLU B 142 21.73 -15.50 -21.37
N ASP B 143 20.74 -14.62 -21.22
CA ASP B 143 20.21 -13.90 -22.39
C ASP B 143 21.25 -13.03 -23.10
N SER B 144 20.96 -12.66 -24.34
CA SER B 144 21.76 -11.64 -25.03
C SER B 144 21.99 -10.50 -24.08
N PRO B 145 23.23 -10.09 -23.91
CA PRO B 145 23.56 -8.95 -23.07
C PRO B 145 22.90 -7.65 -23.49
N TYR B 146 22.57 -7.51 -24.78
CA TYR B 146 21.89 -6.33 -25.22
C TYR B 146 20.52 -6.32 -24.63
N GLU B 147 19.85 -7.48 -24.58
CA GLU B 147 18.51 -7.60 -24.03
C GLU B 147 18.57 -7.39 -22.50
N THR B 148 19.51 -8.04 -21.84
CA THR B 148 19.60 -7.87 -20.35
C THR B 148 19.85 -6.41 -19.96
N LEU B 149 20.78 -5.77 -20.63
CA LEU B 149 21.09 -4.39 -20.34
C LEU B 149 19.96 -3.40 -20.74
N HIS B 150 19.33 -3.64 -21.88
CA HIS B 150 18.20 -2.86 -22.24
C HIS B 150 17.13 -2.90 -21.17
N SER B 151 16.87 -4.11 -20.65
CA SER B 151 15.87 -4.32 -19.66
C SER B 151 16.18 -3.58 -18.35
N PHE B 152 17.43 -3.67 -17.88
CA PHE B 152 17.87 -2.91 -16.66
C PHE B 152 17.80 -1.41 -16.89
N ILE B 153 18.24 -0.94 -18.04
CA ILE B 153 18.21 0.50 -18.26
C ILE B 153 16.75 1.01 -18.40
N SER B 154 15.96 0.31 -19.19
CA SER B 154 14.59 0.72 -19.51
C SER B 154 13.61 0.54 -18.32
N ASN B 155 13.75 -0.55 -17.56
CA ASN B 155 12.78 -0.87 -16.54
C ASN B 155 13.22 -0.52 -15.14
N ALA B 156 14.52 -0.19 -14.95
CA ALA B 156 15.01 0.16 -13.58
C ALA B 156 15.72 1.51 -13.52
N VAL B 157 16.75 1.71 -14.30
CA VAL B 157 17.54 2.93 -14.23
C VAL B 157 16.75 4.18 -14.66
N ALA B 158 16.10 4.11 -15.83
CA ALA B 158 15.33 5.28 -16.29
C ALA B 158 14.23 5.70 -15.34
N PRO B 159 13.36 4.78 -14.82
CA PRO B 159 12.33 5.30 -13.91
C PRO B 159 12.79 5.66 -12.57
N PHE B 160 13.88 5.02 -12.10
CA PHE B 160 14.47 5.37 -10.82
C PHE B 160 15.04 6.79 -10.86
N PHE B 161 15.78 7.09 -11.90
CA PHE B 161 16.36 8.43 -12.09
C PHE B 161 15.23 9.52 -12.25
N LYS B 162 14.25 9.24 -13.09
CA LYS B 162 13.13 10.16 -13.24
C LYS B 162 12.37 10.43 -11.97
N SER B 163 12.13 9.38 -11.18
CA SER B 163 11.41 9.50 -9.89
C SER B 163 12.16 10.46 -8.99
N TYR B 164 13.46 10.48 -9.07
CA TYR B 164 14.21 11.31 -8.20
C TYR B 164 14.25 12.76 -8.70
N ILE B 165 14.50 12.98 -10.00
CA ILE B 165 14.68 14.32 -10.45
C ILE B 165 13.35 15.05 -10.60
N ARG B 166 12.22 14.31 -10.61
CA ARG B 166 10.84 14.86 -10.43
C ARG B 166 10.45 15.32 -8.99
N GLU B 167 10.73 14.51 -7.99
CA GLU B 167 10.66 14.94 -6.60
C GLU B 167 11.69 16.08 -6.33
N MSE B 178 22.41 19.93 -15.67
CA MSE B 178 23.08 18.69 -15.92
C MSE B 178 22.14 17.46 -15.76
O MSE B 178 22.32 16.45 -16.44
CB MSE B 178 24.27 18.77 -14.97
CG MSE B 178 25.21 17.58 -14.87
SE MSE B 178 26.15 17.18 -16.56
CE MSE B 178 27.62 16.14 -15.83
N ALA B 179 21.14 17.54 -14.89
CA ALA B 179 20.23 16.40 -14.67
C ALA B 179 19.37 16.07 -15.92
N PRO B 180 18.79 17.08 -16.58
CA PRO B 180 18.13 16.80 -17.87
C PRO B 180 19.05 16.22 -18.97
N SER B 181 20.30 16.63 -19.03
CA SER B 181 21.23 16.02 -19.98
C SER B 181 21.44 14.50 -19.68
N VAL B 182 21.52 14.15 -18.41
CA VAL B 182 21.70 12.76 -18.02
C VAL B 182 20.41 11.97 -18.31
N GLU B 183 19.25 12.55 -18.06
CA GLU B 183 18.00 11.90 -18.40
C GLU B 183 17.96 11.54 -19.91
N LYS B 184 18.40 12.48 -20.71
CA LYS B 184 18.43 12.25 -22.15
C LYS B 184 19.49 11.18 -22.55
N LYS B 185 20.64 11.15 -21.89
CA LYS B 185 21.64 10.12 -22.16
C LYS B 185 21.12 8.73 -21.80
N ILE B 186 20.36 8.63 -20.72
CA ILE B 186 19.69 7.37 -20.38
C ILE B 186 18.77 6.92 -21.50
N ALA B 187 17.97 7.82 -22.00
CA ALA B 187 17.08 7.51 -23.13
C ALA B 187 17.84 7.11 -24.40
N GLU B 188 18.96 7.75 -24.66
CA GLU B 188 19.76 7.41 -25.81
C GLU B 188 20.37 6.04 -25.65
N LEU B 189 20.88 5.75 -24.46
CA LEU B 189 21.46 4.45 -24.23
C LEU B 189 20.40 3.35 -24.39
N GLU B 190 19.22 3.61 -23.83
CA GLU B 190 18.10 2.67 -23.92
C GLU B 190 17.80 2.34 -25.38
N MSE B 191 17.71 3.39 -26.17
CA MSE B 191 17.42 3.20 -27.58
C MSE B 191 18.55 2.48 -28.31
O MSE B 191 18.28 1.65 -29.19
CB MSE B 191 17.12 4.51 -28.33
CG MSE B 191 16.20 4.11 -29.49
SE MSE B 191 15.53 5.72 -30.29
CE MSE B 191 13.81 5.52 -29.28
N GLY B 192 19.80 2.85 -28.02
CA GLY B 192 20.93 2.16 -28.59
C GLY B 192 20.89 0.65 -28.32
N LEU B 193 20.61 0.27 -27.08
CA LEU B 193 20.56 -1.14 -26.73
C LEU B 193 19.40 -1.84 -27.43
N LEU B 194 18.26 -1.18 -27.47
CA LEU B 194 17.12 -1.70 -28.16
C LEU B 194 17.50 -2.05 -29.60
N HIS B 195 18.19 -1.14 -30.27
CA HIS B 195 18.49 -1.37 -31.67
C HIS B 195 19.49 -2.49 -31.77
N LEU B 196 20.46 -2.56 -30.87
CA LEU B 196 21.42 -3.65 -30.95
C LEU B 196 20.76 -5.02 -30.81
N GLN B 197 19.78 -5.12 -29.93
CA GLN B 197 19.04 -6.36 -29.77
C GLN B 197 18.14 -6.64 -30.96
N GLN B 198 17.38 -5.66 -31.41
CA GLN B 198 16.57 -5.88 -32.65
C GLN B 198 17.40 -6.39 -33.85
N ASN B 199 18.57 -5.86 -34.03
CA ASN B 199 19.46 -6.25 -35.13
C ASN B 199 19.93 -7.69 -35.18
N ILE B 200 19.87 -8.42 -34.07
CA ILE B 200 20.24 -9.83 -34.06
C ILE B 200 19.03 -10.73 -33.87
N GLU B 201 17.84 -10.18 -33.77
CA GLU B 201 16.63 -10.97 -33.64
C GLU B 201 16.20 -11.51 -35.02
N GLN C 22 0.56 -20.15 -21.52
CA GLN C 22 -0.83 -20.64 -21.26
C GLN C 22 -1.24 -20.68 -19.77
N ASN C 23 -0.33 -21.13 -18.91
CA ASN C 23 -0.55 -21.13 -17.44
C ASN C 23 0.31 -20.07 -16.67
N VAL C 24 -0.37 -19.05 -16.14
CA VAL C 24 0.28 -17.97 -15.39
C VAL C 24 0.49 -18.37 -13.95
N ALA C 25 1.68 -18.06 -13.41
CA ALA C 25 2.00 -18.37 -12.02
C ALA C 25 1.03 -17.65 -11.09
N ASP C 26 0.62 -18.37 -10.05
CA ASP C 26 -0.24 -17.83 -9.03
C ASP C 26 0.54 -16.81 -8.19
N VAL C 27 -0.17 -15.81 -7.67
CA VAL C 27 0.44 -14.81 -6.79
C VAL C 27 1.12 -15.46 -5.63
N SER C 28 0.65 -16.63 -5.19
CA SER C 28 1.29 -17.26 -4.05
C SER C 28 2.73 -17.73 -4.37
N VAL C 29 2.99 -17.99 -5.63
CA VAL C 29 4.40 -18.34 -6.02
C VAL C 29 5.36 -17.18 -5.69
N LEU C 30 4.91 -16.00 -6.01
CA LEU C 30 5.70 -14.76 -5.79
C LEU C 30 5.80 -14.44 -4.33
N GLN C 31 4.69 -14.61 -3.58
CA GLN C 31 4.73 -14.42 -2.15
C GLN C 31 5.72 -15.31 -1.47
N LYS C 32 5.73 -16.58 -1.83
CA LYS C 32 6.63 -17.52 -1.23
C LYS C 32 8.10 -17.18 -1.49
N HIS C 33 8.37 -16.80 -2.71
CA HIS C 33 9.73 -16.44 -3.16
C HIS C 33 10.19 -15.21 -2.37
N LEU C 34 9.33 -14.23 -2.20
CA LEU C 34 9.69 -13.01 -1.46
C LEU C 34 9.88 -13.23 0.00
N ARG C 35 9.14 -14.18 0.57
CA ARG C 35 9.29 -14.51 1.98
C ARG C 35 10.71 -15.00 2.23
N LYS C 36 11.25 -15.79 1.31
CA LYS C 36 12.64 -16.32 1.44
C LYS C 36 13.69 -15.31 1.08
N LEU C 37 13.46 -14.54 0.01
CA LEU C 37 14.48 -13.62 -0.53
C LEU C 37 14.67 -12.30 0.20
N VAL C 38 13.54 -11.68 0.58
CA VAL C 38 13.59 -10.38 1.27
C VAL C 38 14.47 -10.31 2.55
N PRO C 39 14.36 -11.29 3.39
CA PRO C 39 15.15 -11.30 4.60
C PRO C 39 16.65 -11.37 4.37
N LEU C 40 17.05 -11.98 3.27
CA LEU C 40 18.49 -11.99 2.94
C LEU C 40 18.99 -10.70 2.30
N LEU C 41 18.15 -9.99 1.58
CA LEU C 41 18.58 -8.79 0.83
C LEU C 41 18.23 -7.49 1.52
N LEU C 42 17.11 -7.48 2.28
CA LEU C 42 16.66 -6.23 2.94
C LEU C 42 16.71 -6.27 4.46
N GLU C 43 17.00 -7.40 5.05
CA GLU C 43 17.15 -7.50 6.51
C GLU C 43 18.48 -8.17 6.77
N ASP C 44 18.77 -8.50 8.01
CA ASP C 44 19.98 -9.30 8.35
C ASP C 44 19.68 -10.80 8.54
N GLY C 45 19.10 -11.44 7.55
CA GLY C 45 18.65 -12.83 7.67
C GLY C 45 17.43 -12.97 8.56
N GLY C 46 17.22 -14.20 9.01
CA GLY C 46 16.16 -14.52 9.92
C GLY C 46 14.89 -14.82 9.14
N GLU C 47 13.82 -14.95 9.89
CA GLU C 47 12.53 -15.23 9.34
C GLU C 47 11.96 -13.98 8.64
N ALA C 48 11.05 -14.20 7.69
CA ALA C 48 10.25 -13.09 7.13
C ALA C 48 9.58 -12.26 8.26
N PRO C 49 9.94 -10.96 8.35
CA PRO C 49 9.30 -10.17 9.40
C PRO C 49 7.75 -10.03 9.17
N ALA C 50 7.02 -9.79 10.26
CA ALA C 50 5.58 -9.63 10.20
C ALA C 50 5.24 -8.46 9.32
N ALA C 51 6.10 -7.43 9.33
CA ALA C 51 5.89 -6.27 8.50
C ALA C 51 5.85 -6.65 7.00
N LEU C 52 6.72 -7.58 6.60
CA LEU C 52 6.72 -8.05 5.24
C LEU C 52 5.42 -8.83 4.97
N GLU C 53 5.05 -9.72 5.87
CA GLU C 53 3.84 -10.50 5.67
C GLU C 53 2.59 -9.60 5.52
N ALA C 54 2.53 -8.50 6.26
CA ALA C 54 1.39 -7.53 6.10
C ALA C 54 1.34 -6.90 4.72
N ALA C 55 2.53 -6.50 4.24
CA ALA C 55 2.68 -5.98 2.89
C ALA C 55 2.27 -6.99 1.81
N LEU C 56 2.60 -8.25 2.05
CA LEU C 56 2.28 -9.36 1.09
C LEU C 56 0.82 -9.71 1.02
N GLU C 57 0.06 -9.41 2.07
CA GLU C 57 -1.40 -9.74 2.09
C GLU C 57 -2.30 -8.57 1.82
N GLU C 58 -1.79 -7.34 1.68
CA GLU C 58 -2.67 -6.26 1.19
C GLU C 58 -3.36 -6.53 -0.07
N LYS C 59 -4.63 -6.15 -0.15
CA LYS C 59 -5.35 -6.32 -1.40
C LYS C 59 -4.74 -5.57 -2.59
N SER C 60 -4.25 -4.36 -2.33
CA SER C 60 -3.63 -3.56 -3.38
C SER C 60 -2.39 -4.30 -3.90
N ALA C 61 -1.61 -4.84 -2.97
CA ALA C 61 -0.40 -5.58 -3.30
C ALA C 61 -0.68 -6.87 -4.12
N LEU C 62 -1.72 -7.62 -3.74
CA LEU C 62 -2.15 -8.81 -4.49
C LEU C 62 -2.49 -8.45 -5.90
N GLU C 63 -3.22 -7.35 -6.11
CA GLU C 63 -3.58 -6.97 -7.46
C GLU C 63 -2.38 -6.50 -8.30
N GLN C 64 -1.50 -5.69 -7.68
CA GLN C 64 -0.26 -5.24 -8.33
C GLN C 64 0.58 -6.49 -8.74
N MSE C 65 0.74 -7.44 -7.84
CA MSE C 65 1.52 -8.68 -8.09
C MSE C 65 0.86 -9.50 -9.16
O MSE C 65 1.54 -10.04 -10.04
CB MSE C 65 1.74 -9.51 -6.85
CG MSE C 65 2.81 -8.93 -5.97
SE MSE C 65 3.22 -10.03 -4.39
CE MSE C 65 1.61 -9.74 -3.29
N ARG C 66 -0.47 -9.58 -9.17
CA ARG C 66 -1.16 -10.36 -10.24
C ARG C 66 -0.99 -9.76 -11.60
N LYS C 67 -1.05 -8.44 -11.67
CA LYS C 67 -0.76 -7.72 -12.92
C LYS C 67 0.68 -7.93 -13.38
N PHE C 68 1.63 -7.85 -12.47
CA PHE C 68 3.02 -8.20 -12.84
C PHE C 68 3.17 -9.61 -13.41
N LEU C 69 2.53 -10.59 -12.81
CA LEU C 69 2.65 -11.96 -13.27
C LEU C 69 1.99 -12.17 -14.62
N SER C 70 0.87 -11.49 -14.87
CA SER C 70 0.02 -11.81 -16.05
C SER C 70 0.01 -10.85 -17.22
N ASP C 71 0.44 -9.61 -17.05
CA ASP C 71 0.30 -8.59 -18.08
C ASP C 71 1.64 -8.20 -18.71
N PRO C 72 1.82 -8.52 -20.00
CA PRO C 72 3.01 -8.13 -20.75
C PRO C 72 3.44 -6.67 -20.67
N GLN C 73 2.49 -5.76 -20.48
CA GLN C 73 2.86 -4.34 -20.36
C GLN C 73 3.39 -3.92 -18.97
N VAL C 74 3.30 -4.80 -17.96
CA VAL C 74 3.84 -4.49 -16.61
C VAL C 74 5.14 -5.28 -16.50
N HIS C 75 6.28 -4.59 -16.36
CA HIS C 75 7.60 -5.24 -16.46
C HIS C 75 8.22 -5.49 -15.11
N THR C 76 7.77 -4.75 -14.09
CA THR C 76 8.41 -4.70 -12.82
C THR C 76 7.51 -4.72 -11.62
N VAL C 77 8.10 -5.18 -10.53
CA VAL C 77 7.54 -5.00 -9.21
C VAL C 77 8.62 -4.66 -8.19
N LEU C 78 8.28 -3.78 -7.25
CA LEU C 78 9.24 -3.19 -6.24
C LEU C 78 8.76 -3.64 -4.85
N VAL C 79 9.62 -4.25 -4.06
CA VAL C 79 9.40 -4.46 -2.64
C VAL C 79 10.20 -3.44 -1.95
N GLU C 80 9.51 -2.53 -1.26
CA GLU C 80 10.15 -1.35 -0.68
C GLU C 80 10.10 -1.44 0.88
N ARG C 81 11.26 -1.34 1.51
CA ARG C 81 11.38 -1.36 2.96
C ARG C 81 11.61 0.09 3.40
N SER C 82 10.72 0.61 4.25
CA SER C 82 10.82 2.03 4.70
C SER C 82 11.02 2.07 6.21
N THR C 83 11.76 3.06 6.69
CA THR C 83 11.91 3.26 8.10
C THR C 83 11.46 4.65 8.44
N LEU C 84 10.77 4.72 9.56
CA LEU C 84 10.24 5.89 10.16
C LEU C 84 10.91 6.12 11.56
N LYS C 85 11.36 7.34 11.75
CA LYS C 85 11.50 8.09 13.05
C LYS C 85 12.86 7.92 13.62
N GLU C 97 13.43 3.43 13.36
CA GLU C 97 13.13 2.34 14.20
C GLU C 97 11.73 1.69 13.94
N PHE C 98 10.80 2.31 13.21
CA PHE C 98 9.57 1.56 12.80
C PHE C 98 9.67 1.11 11.32
N ILE C 99 9.62 -0.17 11.04
CA ILE C 99 9.85 -0.73 9.70
C ILE C 99 8.52 -1.04 9.05
N SER C 100 8.36 -0.60 7.80
CA SER C 100 7.16 -0.89 7.02
C SER C 100 7.64 -1.41 5.63
N TYR C 101 6.84 -2.27 4.99
CA TYR C 101 7.05 -2.75 3.64
C TYR C 101 5.93 -2.35 2.80
N ASN C 102 6.15 -2.19 1.50
CA ASN C 102 5.06 -1.92 0.57
C ASN C 102 5.48 -2.54 -0.79
N ILE C 103 4.51 -3.10 -1.49
CA ILE C 103 4.74 -3.78 -2.77
C ILE C 103 3.96 -3.04 -3.83
N ASN C 104 4.62 -2.66 -4.90
CA ASN C 104 3.93 -1.95 -5.94
C ASN C 104 4.74 -2.06 -7.23
N ILE C 105 4.11 -1.81 -8.36
CA ILE C 105 4.75 -1.94 -9.65
C ILE C 105 5.75 -0.80 -9.88
N ASP C 106 5.46 0.36 -9.32
CA ASP C 106 6.27 1.55 -9.66
C ASP C 106 7.72 1.53 -9.11
N ILE C 107 8.76 1.70 -9.93
CA ILE C 107 10.14 1.74 -9.45
C ILE C 107 10.47 3.19 -9.06
N HIS C 108 10.80 3.46 -7.80
CA HIS C 108 11.10 4.84 -7.34
C HIS C 108 12.05 4.84 -6.16
N TYR C 109 12.63 6.03 -5.91
CA TYR C 109 13.54 6.29 -4.82
C TYR C 109 12.75 6.69 -3.61
N GLY C 110 13.23 6.34 -2.44
CA GLY C 110 12.72 6.97 -1.21
C GLY C 110 13.85 7.22 -0.27
N VAL C 111 13.80 8.36 0.39
CA VAL C 111 14.93 8.83 1.20
C VAL C 111 15.22 7.91 2.40
N LYS C 112 14.24 7.22 2.93
CA LYS C 112 14.60 6.25 3.96
C LYS C 112 14.07 4.87 3.53
N SER C 113 14.23 4.56 2.26
CA SER C 113 13.74 3.28 1.70
C SER C 113 14.91 2.53 1.07
N ASN C 114 14.90 1.22 1.30
CA ASN C 114 15.76 0.27 0.59
C ASN C 114 14.86 -0.72 -0.11
N SER C 115 15.10 -0.99 -1.42
CA SER C 115 14.16 -1.72 -2.22
C SER C 115 14.83 -2.83 -3.01
N LEU C 116 14.02 -3.80 -3.33
CA LEU C 116 14.34 -4.94 -4.20
C LEU C 116 13.40 -4.81 -5.43
N ALA C 117 13.98 -4.73 -6.63
CA ALA C 117 13.20 -4.59 -7.87
C ALA C 117 13.27 -5.91 -8.64
N PHE C 118 12.13 -6.47 -9.04
CA PHE C 118 12.08 -7.59 -9.90
C PHE C 118 11.64 -7.15 -11.30
N ILE C 119 12.33 -7.62 -12.33
CA ILE C 119 11.95 -7.31 -13.70
C ILE C 119 11.74 -8.65 -14.38
N LYS C 120 10.64 -8.76 -15.07
CA LYS C 120 10.40 -10.02 -15.76
C LYS C 120 11.30 -10.20 -16.99
N ARG C 121 11.75 -11.44 -17.19
CA ARG C 121 12.51 -11.81 -18.38
C ARG C 121 11.66 -12.08 -19.59
N THR C 122 10.42 -12.47 -19.38
CA THR C 122 9.49 -12.68 -20.48
C THR C 122 8.15 -12.00 -20.20
N PRO C 123 7.27 -11.92 -21.21
CA PRO C 123 6.00 -11.20 -21.02
C PRO C 123 5.11 -11.67 -19.90
N VAL C 124 5.11 -12.94 -19.62
CA VAL C 124 4.18 -13.51 -18.64
C VAL C 124 5.01 -14.47 -17.79
N ILE C 125 4.72 -14.58 -16.51
CA ILE C 125 5.44 -15.52 -15.66
C ILE C 125 4.70 -16.89 -15.72
N ASP C 126 5.42 -17.89 -16.16
CA ASP C 126 4.88 -19.19 -16.50
C ASP C 126 4.85 -20.00 -15.23
N ALA C 127 3.68 -20.54 -14.89
CA ALA C 127 3.53 -21.47 -13.75
C ALA C 127 4.35 -22.75 -13.80
N ASP C 128 4.66 -23.21 -15.00
CA ASP C 128 5.37 -24.50 -15.18
C ASP C 128 6.88 -24.44 -15.09
N LYS C 129 7.47 -23.26 -14.87
CA LYS C 129 8.92 -23.11 -14.70
C LYS C 129 9.21 -22.43 -13.38
N PRO C 130 10.37 -22.68 -12.83
CA PRO C 130 10.82 -22.05 -11.60
C PRO C 130 10.77 -20.49 -11.70
N VAL C 131 10.27 -19.84 -10.68
CA VAL C 131 10.08 -18.40 -10.75
C VAL C 131 11.41 -17.68 -10.84
N SER C 132 12.47 -18.19 -10.22
CA SER C 132 13.72 -17.44 -10.14
C SER C 132 14.45 -17.34 -11.50
N SER C 133 14.24 -18.30 -12.37
CA SER C 133 14.77 -18.29 -13.70
C SER C 133 14.02 -17.30 -14.61
N GLN C 134 12.90 -16.79 -14.18
CA GLN C 134 12.13 -15.88 -15.04
C GLN C 134 12.26 -14.39 -14.68
N LEU C 135 12.97 -14.08 -13.61
CA LEU C 135 13.07 -12.73 -13.08
C LEU C 135 14.52 -12.24 -13.15
N ARG C 136 14.72 -10.95 -13.28
CA ARG C 136 16.00 -10.29 -13.01
C ARG C 136 15.79 -9.55 -11.72
N VAL C 137 16.83 -9.50 -10.89
CA VAL C 137 16.74 -8.83 -9.55
C VAL C 137 17.79 -7.72 -9.48
N LEU C 138 17.45 -6.57 -8.88
CA LEU C 138 18.38 -5.44 -8.70
C LEU C 138 17.96 -4.89 -7.30
N THR C 139 18.90 -4.59 -6.41
CA THR C 139 18.60 -3.89 -5.19
C THR C 139 18.89 -2.37 -5.34
N LEU C 140 18.06 -1.56 -4.68
CA LEU C 140 18.11 -0.13 -4.81
C LEU C 140 18.08 0.46 -3.41
N SER C 141 19.18 1.08 -3.00
CA SER C 141 19.39 1.46 -1.64
C SER C 141 18.83 2.85 -1.40
N GLU C 142 18.95 3.27 -0.13
CA GLU C 142 18.63 4.63 0.29
C GLU C 142 19.71 5.70 0.01
N ASP C 143 20.82 5.33 -0.63
CA ASP C 143 21.84 6.28 -1.06
C ASP C 143 21.27 7.24 -2.08
N SER C 144 22.00 8.33 -2.28
CA SER C 144 21.64 9.23 -3.35
C SER C 144 21.47 8.39 -4.62
N PRO C 145 20.39 8.62 -5.36
CA PRO C 145 20.24 7.83 -6.59
C PRO C 145 21.32 8.08 -7.62
N TYR C 146 21.99 9.25 -7.57
CA TYR C 146 23.13 9.46 -8.43
C TYR C 146 24.23 8.47 -8.17
N GLU C 147 24.50 8.23 -6.91
CA GLU C 147 25.53 7.32 -6.51
C GLU C 147 25.13 5.86 -6.87
N THR C 148 23.92 5.47 -6.54
CA THR C 148 23.43 4.12 -6.84
C THR C 148 23.53 3.81 -8.32
N LEU C 149 23.00 4.70 -9.12
CA LEU C 149 23.08 4.55 -10.55
C LEU C 149 24.49 4.65 -11.11
N HIS C 150 25.31 5.62 -10.65
CA HIS C 150 26.71 5.62 -11.01
C HIS C 150 27.37 4.26 -10.80
N SER C 151 27.14 3.69 -9.63
CA SER C 151 27.72 2.42 -9.26
C SER C 151 27.24 1.27 -10.16
N PHE C 152 25.92 1.18 -10.42
CA PHE C 152 25.48 0.16 -11.35
C PHE C 152 26.04 0.33 -12.77
N ILE C 153 26.12 1.56 -13.26
CA ILE C 153 26.62 1.78 -14.61
C ILE C 153 28.11 1.46 -14.73
N SER C 154 28.91 2.05 -13.85
CA SER C 154 30.37 1.89 -13.88
C SER C 154 30.93 0.55 -13.41
N ASN C 155 30.20 -0.16 -12.55
CA ASN C 155 30.70 -1.43 -12.03
C ASN C 155 30.02 -2.65 -12.62
N ALA C 156 28.86 -2.49 -13.29
CA ALA C 156 28.15 -3.65 -13.85
C ALA C 156 27.86 -3.50 -15.31
N VAL C 157 27.13 -2.47 -15.68
CA VAL C 157 26.71 -2.30 -17.05
C VAL C 157 27.93 -2.14 -17.99
N ALA C 158 28.81 -1.21 -17.68
CA ALA C 158 30.02 -0.98 -18.50
C ALA C 158 30.86 -2.24 -18.77
N PRO C 159 31.33 -2.91 -17.71
CA PRO C 159 32.16 -4.10 -17.95
C PRO C 159 31.41 -5.27 -18.54
N PHE C 160 30.09 -5.43 -18.29
CA PHE C 160 29.32 -6.48 -18.91
C PHE C 160 29.19 -6.26 -20.38
N PHE C 161 28.92 -5.02 -20.75
CA PHE C 161 28.79 -4.68 -22.19
C PHE C 161 30.13 -4.85 -22.90
N LYS C 162 31.20 -4.35 -22.30
CA LYS C 162 32.53 -4.46 -22.90
C LYS C 162 33.02 -5.90 -23.06
N SER C 163 32.64 -6.77 -22.12
CA SER C 163 33.04 -8.17 -22.13
C SER C 163 32.43 -8.85 -23.33
N TYR C 164 31.21 -8.47 -23.65
CA TYR C 164 30.50 -9.08 -24.75
C TYR C 164 30.99 -8.58 -26.07
N ILE C 165 31.12 -7.29 -26.26
CA ILE C 165 31.49 -6.83 -27.57
C ILE C 165 32.92 -7.08 -27.91
N ARG C 166 33.75 -7.30 -26.92
CA ARG C 166 35.13 -7.57 -27.19
C ARG C 166 35.33 -9.04 -27.53
N GLU C 167 34.58 -9.91 -26.88
CA GLU C 167 34.65 -11.31 -27.17
C GLU C 167 33.96 -11.56 -28.49
N LYS C 177 27.88 -2.20 -35.74
CA LYS C 177 28.51 -0.90 -36.11
C LYS C 177 28.04 0.22 -35.14
N MSE C 178 26.84 0.06 -34.60
CA MSE C 178 26.37 0.86 -33.49
C MSE C 178 26.91 0.44 -32.11
O MSE C 178 26.70 1.16 -31.13
CB MSE C 178 24.85 0.88 -33.52
CG MSE C 178 24.31 2.31 -33.50
SE MSE C 178 22.65 2.27 -32.42
CE MSE C 178 23.09 3.72 -31.15
N ALA C 179 27.65 -0.66 -32.00
CA ALA C 179 28.12 -1.08 -30.68
C ALA C 179 29.15 -0.11 -30.06
N PRO C 180 30.14 0.39 -30.83
CA PRO C 180 31.07 1.35 -30.21
C PRO C 180 30.35 2.66 -29.81
N SER C 181 29.31 3.05 -30.56
CA SER C 181 28.52 4.20 -30.23
C SER C 181 27.79 4.00 -28.88
N VAL C 182 27.25 2.81 -28.64
CA VAL C 182 26.61 2.50 -27.37
C VAL C 182 27.65 2.44 -26.22
N GLU C 183 28.82 1.87 -26.45
CA GLU C 183 29.90 1.91 -25.48
C GLU C 183 30.23 3.34 -25.05
N LYS C 184 30.34 4.25 -26.02
CA LYS C 184 30.55 5.61 -25.72
C LYS C 184 29.41 6.22 -24.90
N LYS C 185 28.18 5.92 -25.27
CA LYS C 185 27.04 6.36 -24.44
C LYS C 185 27.09 5.91 -22.98
N ILE C 186 27.50 4.69 -22.74
CA ILE C 186 27.67 4.22 -21.38
C ILE C 186 28.70 5.06 -20.60
N ALA C 187 29.83 5.35 -21.22
CA ALA C 187 30.84 6.18 -20.61
C ALA C 187 30.34 7.60 -20.34
N GLU C 188 29.56 8.16 -21.27
CA GLU C 188 29.01 9.51 -21.05
C GLU C 188 28.04 9.50 -19.89
N LEU C 189 27.22 8.44 -19.80
CA LEU C 189 26.21 8.35 -18.77
C LEU C 189 26.93 8.19 -17.43
N GLU C 190 27.96 7.38 -17.43
CA GLU C 190 28.72 7.15 -16.21
C GLU C 190 29.33 8.47 -15.67
N MSE C 191 29.90 9.22 -16.62
CA MSE C 191 30.53 10.49 -16.32
C MSE C 191 29.50 11.43 -15.78
O MSE C 191 29.72 12.06 -14.73
CB MSE C 191 31.14 11.07 -17.59
CG MSE C 191 31.73 12.45 -17.34
SE MSE C 191 33.66 12.30 -16.99
CE MSE C 191 34.27 12.24 -18.87
N GLY C 192 28.38 11.55 -16.48
CA GLY C 192 27.31 12.43 -16.05
C GLY C 192 26.80 12.17 -14.63
N LEU C 193 26.58 10.89 -14.31
CA LEU C 193 26.13 10.51 -12.99
C LEU C 193 27.19 10.80 -11.93
N LEU C 194 28.45 10.63 -12.26
CA LEU C 194 29.56 10.91 -11.36
C LEU C 194 29.53 12.41 -11.00
N HIS C 195 29.36 13.25 -12.01
CA HIS C 195 29.34 14.68 -11.76
C HIS C 195 28.13 15.08 -10.96
N LEU C 196 26.95 14.51 -11.23
CA LEU C 196 25.75 14.79 -10.42
C LEU C 196 25.97 14.44 -8.92
N GLN C 197 26.65 13.34 -8.64
CA GLN C 197 26.91 12.92 -7.27
C GLN C 197 27.92 13.85 -6.61
N GLN C 198 29.01 14.10 -7.30
CA GLN C 198 30.02 15.06 -6.81
C GLN C 198 29.45 16.40 -6.49
N ASN C 199 28.48 16.90 -7.26
CA ASN C 199 27.92 18.21 -7.04
C ASN C 199 27.15 18.35 -5.71
N ILE C 200 26.69 17.26 -5.12
CA ILE C 200 25.96 17.34 -3.85
C ILE C 200 26.80 16.83 -2.67
N GLU C 201 28.05 16.47 -2.92
CA GLU C 201 29.04 16.11 -1.89
C GLU C 201 29.84 17.32 -1.29
N GLN D 22 -22.08 -8.24 31.98
CA GLN D 22 -22.31 -7.87 33.38
C GLN D 22 -22.36 -6.31 33.61
N ASN D 23 -21.40 -5.59 33.01
CA ASN D 23 -21.17 -4.18 33.32
C ASN D 23 -21.39 -3.39 32.04
N VAL D 24 -22.44 -2.58 32.05
CA VAL D 24 -22.74 -1.62 31.03
C VAL D 24 -21.92 -0.35 31.23
N ALA D 25 -21.34 0.18 30.18
CA ALA D 25 -20.59 1.43 30.29
C ALA D 25 -21.42 2.54 30.84
N ASP D 26 -20.75 3.38 31.61
CA ASP D 26 -21.38 4.55 32.17
C ASP D 26 -21.60 5.61 31.07
N VAL D 27 -22.60 6.43 31.28
CA VAL D 27 -22.84 7.58 30.36
C VAL D 27 -21.61 8.44 30.16
N SER D 28 -20.78 8.61 31.18
CA SER D 28 -19.60 9.46 31.05
C SER D 28 -18.61 8.96 30.01
N VAL D 29 -18.63 7.67 29.70
CA VAL D 29 -17.69 7.09 28.70
C VAL D 29 -18.14 7.63 27.31
N LEU D 30 -19.44 7.66 27.09
CA LEU D 30 -19.97 8.20 25.81
C LEU D 30 -19.78 9.68 25.70
N GLN D 31 -20.01 10.42 26.79
CA GLN D 31 -19.75 11.85 26.81
C GLN D 31 -18.31 12.17 26.48
N LYS D 32 -17.37 11.41 27.06
CA LYS D 32 -15.95 11.76 26.87
C LYS D 32 -15.57 11.51 25.41
N HIS D 33 -16.14 10.47 24.87
CA HIS D 33 -15.84 10.07 23.49
C HIS D 33 -16.38 11.12 22.54
N LEU D 34 -17.60 11.60 22.78
CA LEU D 34 -18.16 12.64 21.95
C LEU D 34 -17.48 13.99 22.06
N ARG D 35 -16.96 14.38 23.23
CA ARG D 35 -16.21 15.59 23.32
C ARG D 35 -15.01 15.58 22.44
N LYS D 36 -14.43 14.38 22.22
CA LYS D 36 -13.24 14.30 21.33
C LYS D 36 -13.60 14.15 19.84
N LEU D 37 -14.63 13.38 19.57
CA LEU D 37 -15.01 13.07 18.21
C LEU D 37 -15.79 14.17 17.50
N VAL D 38 -16.76 14.77 18.23
CA VAL D 38 -17.57 15.81 17.61
C VAL D 38 -16.80 16.98 17.00
N PRO D 39 -15.83 17.58 17.69
CA PRO D 39 -15.05 18.65 17.08
C PRO D 39 -14.34 18.28 15.79
N LEU D 40 -13.98 17.03 15.60
CA LEU D 40 -13.36 16.58 14.36
C LEU D 40 -14.32 16.39 13.18
N LEU D 41 -15.55 15.97 13.45
CA LEU D 41 -16.50 15.63 12.44
C LEU D 41 -17.53 16.70 12.15
N LEU D 42 -18.00 17.47 13.17
CA LEU D 42 -19.03 18.51 12.95
C LEU D 42 -18.56 19.95 13.12
N GLU D 43 -17.31 20.14 13.52
CA GLU D 43 -16.70 21.47 13.64
C GLU D 43 -15.41 21.45 12.83
N ASP D 44 -14.75 22.59 12.72
CA ASP D 44 -13.43 22.63 12.11
C ASP D 44 -12.34 22.40 13.16
N GLY D 45 -12.35 21.29 13.89
CA GLY D 45 -11.34 21.06 14.97
C GLY D 45 -11.59 21.93 16.19
N GLY D 46 -10.54 22.15 17.01
CA GLY D 46 -10.63 23.00 18.19
C GLY D 46 -11.30 22.22 19.32
N GLU D 47 -11.47 22.77 20.52
CA GLU D 47 -12.02 21.89 21.59
C GLU D 47 -13.56 21.81 21.50
N ALA D 48 -14.15 20.92 22.26
CA ALA D 48 -15.58 20.78 22.32
C ALA D 48 -16.26 22.14 22.67
N PRO D 49 -17.13 22.62 21.77
CA PRO D 49 -17.80 23.92 22.09
C PRO D 49 -18.75 23.83 23.34
N ALA D 50 -18.93 24.94 24.07
CA ALA D 50 -19.87 25.03 25.19
C ALA D 50 -21.22 24.50 24.77
N ALA D 51 -21.59 24.72 23.53
CA ALA D 51 -22.91 24.28 23.05
C ALA D 51 -22.98 22.80 23.07
N LEU D 52 -21.87 22.11 22.77
CA LEU D 52 -21.92 20.68 22.81
C LEU D 52 -21.98 20.19 24.26
N GLU D 53 -21.25 20.83 25.15
CA GLU D 53 -21.30 20.50 26.55
C GLU D 53 -22.68 20.68 27.16
N ALA D 54 -23.39 21.73 26.75
CA ALA D 54 -24.83 21.93 27.18
C ALA D 54 -25.68 20.75 26.77
N ALA D 55 -25.52 20.28 25.50
CA ALA D 55 -26.28 19.18 25.06
C ALA D 55 -25.97 17.88 25.80
N LEU D 56 -24.70 17.63 26.09
CA LEU D 56 -24.26 16.38 26.76
C LEU D 56 -24.75 16.31 28.19
N GLU D 57 -25.09 17.49 28.76
CA GLU D 57 -25.56 17.53 30.16
C GLU D 57 -27.06 17.65 30.32
N GLU D 58 -27.85 17.80 29.25
CA GLU D 58 -29.33 17.83 29.37
C GLU D 58 -29.84 16.56 29.97
N LYS D 59 -30.78 16.64 30.89
CA LYS D 59 -31.37 15.44 31.47
C LYS D 59 -31.96 14.48 30.45
N SER D 60 -32.66 15.03 29.45
CA SER D 60 -33.25 14.23 28.41
C SER D 60 -32.13 13.45 27.72
N ALA D 61 -31.11 14.19 27.32
CA ALA D 61 -29.91 13.56 26.65
C ALA D 61 -29.27 12.41 27.46
N LEU D 62 -29.09 12.64 28.78
CA LEU D 62 -28.55 11.63 29.66
C LEU D 62 -29.41 10.42 29.64
N GLU D 63 -30.73 10.56 29.73
CA GLU D 63 -31.59 9.37 29.69
C GLU D 63 -31.58 8.65 28.32
N GLN D 64 -31.60 9.43 27.22
CA GLN D 64 -31.49 8.84 25.85
C GLN D 64 -30.12 8.03 25.72
N MSE D 65 -29.04 8.64 26.19
CA MSE D 65 -27.70 7.99 26.17
C MSE D 65 -27.63 6.76 27.02
O MSE D 65 -27.12 5.69 26.57
CB MSE D 65 -26.57 8.89 26.53
CG MSE D 65 -26.37 9.93 25.47
SE MSE D 65 -24.77 11.05 25.75
CE MSE D 65 -25.41 12.35 27.08
N ARG D 66 -28.19 6.81 28.25
CA ARG D 66 -28.27 5.56 29.07
C ARG D 66 -29.05 4.46 28.45
N LYS D 67 -30.16 4.79 27.82
CA LYS D 67 -30.94 3.83 27.09
C LYS D 67 -30.17 3.16 25.93
N PHE D 68 -29.54 4.00 25.13
CA PHE D 68 -28.65 3.51 24.07
C PHE D 68 -27.59 2.53 24.61
N LEU D 69 -26.94 2.86 25.72
CA LEU D 69 -25.88 2.01 26.26
C LEU D 69 -26.38 0.63 26.75
N SER D 70 -27.55 0.63 27.36
CA SER D 70 -28.06 -0.52 28.17
C SER D 70 -29.21 -1.28 27.55
N ASP D 71 -29.95 -0.75 26.59
CA ASP D 71 -31.16 -1.39 26.15
C ASP D 71 -30.97 -2.00 24.75
N PRO D 72 -31.05 -3.34 24.63
CA PRO D 72 -30.89 -3.96 23.35
C PRO D 72 -31.86 -3.51 22.27
N GLN D 73 -33.03 -3.00 22.62
CA GLN D 73 -33.95 -2.50 21.61
C GLN D 73 -33.65 -1.07 21.10
N VAL D 74 -32.69 -0.37 21.69
CA VAL D 74 -32.34 0.94 21.23
C VAL D 74 -31.03 0.80 20.50
N HIS D 75 -31.00 1.11 19.21
CA HIS D 75 -29.81 0.75 18.39
C HIS D 75 -28.93 1.95 18.08
N THR D 76 -29.43 3.17 18.25
CA THR D 76 -28.77 4.35 17.70
C THR D 76 -28.82 5.52 18.59
N VAL D 77 -27.85 6.39 18.44
CA VAL D 77 -27.91 7.69 18.98
C VAL D 77 -27.38 8.70 17.97
N LEU D 78 -28.04 9.88 17.88
CA LEU D 78 -27.67 10.98 16.95
C LEU D 78 -27.17 12.16 17.78
N VAL D 79 -26.06 12.73 17.35
CA VAL D 79 -25.59 14.02 17.83
C VAL D 79 -25.81 14.98 16.68
N GLU D 80 -26.71 15.95 16.90
CA GLU D 80 -27.14 16.86 15.80
C GLU D 80 -26.70 18.26 16.06
N ARG D 81 -25.95 18.84 15.15
CA ARG D 81 -25.47 20.22 15.22
C ARG D 81 -26.35 21.11 14.33
N SER D 82 -26.97 22.12 14.92
CA SER D 82 -27.99 22.96 14.20
C SER D 82 -27.53 24.40 14.25
N THR D 83 -27.85 25.17 13.20
CA THR D 83 -27.49 26.58 13.19
C THR D 83 -28.77 27.36 12.93
N LEU D 84 -28.89 28.51 13.56
CA LEU D 84 -29.95 29.43 13.22
C LEU D 84 -29.27 30.81 12.94
N LYS D 85 -29.78 31.53 11.97
CA LYS D 85 -29.31 32.89 11.67
C LYS D 85 -29.76 33.86 12.79
N GLU D 97 -24.47 31.39 12.57
CA GLU D 97 -24.44 32.40 13.61
C GLU D 97 -24.61 31.72 14.96
N PHE D 98 -25.78 31.18 15.29
CA PHE D 98 -25.98 30.57 16.63
C PHE D 98 -25.98 29.04 16.55
N ILE D 99 -25.02 28.42 17.16
CA ILE D 99 -24.84 26.96 17.09
C ILE D 99 -25.52 26.26 18.32
N SER D 100 -26.21 25.21 18.06
CA SER D 100 -26.89 24.39 19.07
C SER D 100 -26.69 22.93 18.78
N TYR D 101 -26.55 22.10 19.80
CA TYR D 101 -26.48 20.64 19.63
C TYR D 101 -27.61 19.99 20.35
N ASN D 102 -27.97 18.81 19.94
CA ASN D 102 -28.94 17.98 20.62
C ASN D 102 -28.62 16.53 20.43
N ILE D 103 -28.80 15.74 21.46
CA ILE D 103 -28.58 14.33 21.47
C ILE D 103 -29.88 13.62 21.62
N ASN D 104 -30.19 12.71 20.71
CA ASN D 104 -31.36 11.90 20.78
C ASN D 104 -31.22 10.53 20.08
N ILE D 105 -32.07 9.55 20.40
CA ILE D 105 -32.01 8.23 19.82
C ILE D 105 -32.44 8.28 18.34
N ASP D 106 -33.43 9.08 18.06
CA ASP D 106 -34.03 9.17 16.71
C ASP D 106 -33.06 9.69 15.58
N ILE D 107 -32.90 8.91 14.51
CA ILE D 107 -32.10 9.29 13.33
C ILE D 107 -33.01 10.02 12.38
N HIS D 108 -32.73 11.27 12.07
CA HIS D 108 -33.61 12.12 11.20
C HIS D 108 -32.79 13.24 10.52
N TYR D 109 -33.42 13.85 9.51
CA TYR D 109 -32.87 14.93 8.68
C TYR D 109 -33.24 16.27 9.27
N GLY D 110 -32.38 17.29 9.13
CA GLY D 110 -32.81 18.70 9.31
C GLY D 110 -32.11 19.59 8.36
N VAL D 111 -32.85 20.55 7.79
CA VAL D 111 -32.33 21.47 6.76
C VAL D 111 -31.19 22.26 7.18
N LYS D 112 -31.10 22.58 8.46
CA LYS D 112 -29.87 23.25 8.93
C LYS D 112 -29.15 22.45 10.00
N SER D 113 -29.19 21.13 9.86
CA SER D 113 -28.57 20.21 10.83
C SER D 113 -27.52 19.36 10.12
N ASN D 114 -26.39 19.16 10.78
CA ASN D 114 -25.37 18.18 10.37
C ASN D 114 -25.18 17.28 11.60
N SER D 115 -25.15 15.98 11.41
CA SER D 115 -25.22 15.03 12.48
C SER D 115 -24.22 13.92 12.36
N LEU D 116 -23.97 13.32 13.49
CA LEU D 116 -23.12 12.13 13.66
C LEU D 116 -24.06 11.07 14.30
N ALA D 117 -24.15 9.91 13.66
CA ALA D 117 -24.94 8.81 14.20
C ALA D 117 -24.06 7.66 14.61
N PHE D 118 -24.40 7.07 15.76
CA PHE D 118 -23.70 5.97 16.33
C PHE D 118 -24.71 4.84 16.36
N ILE D 119 -24.25 3.69 15.87
CA ILE D 119 -25.02 2.42 15.90
C ILE D 119 -24.25 1.44 16.71
N LYS D 120 -24.92 0.84 17.70
CA LYS D 120 -24.25 -0.24 18.46
C LYS D 120 -23.96 -1.49 17.64
N ARG D 121 -22.76 -2.06 17.75
CA ARG D 121 -22.48 -3.34 17.13
C ARG D 121 -23.08 -4.55 17.87
N THR D 122 -23.33 -4.40 19.15
CA THR D 122 -23.86 -5.46 20.02
C THR D 122 -24.98 -4.91 20.91
N PRO D 123 -25.71 -5.80 21.59
CA PRO D 123 -26.94 -5.33 22.24
C PRO D 123 -26.71 -4.28 23.34
N VAL D 124 -25.59 -4.40 24.04
CA VAL D 124 -25.28 -3.53 25.18
C VAL D 124 -23.85 -3.07 24.96
N ILE D 125 -23.53 -1.88 25.46
CA ILE D 125 -22.17 -1.39 25.41
C ILE D 125 -21.46 -1.82 26.69
N ASP D 126 -20.44 -2.64 26.53
CA ASP D 126 -19.65 -3.22 27.65
C ASP D 126 -18.69 -2.18 28.24
N ALA D 127 -18.78 -1.97 29.55
CA ALA D 127 -17.86 -1.13 30.32
C ALA D 127 -16.43 -1.62 30.23
N ASP D 128 -16.27 -2.91 29.97
CA ASP D 128 -14.94 -3.57 29.96
C ASP D 128 -14.23 -3.64 28.62
N LYS D 129 -14.80 -3.09 27.57
CA LYS D 129 -14.12 -2.99 26.27
C LYS D 129 -14.16 -1.55 25.80
N PRO D 130 -13.20 -1.15 24.99
CA PRO D 130 -13.11 0.19 24.43
C PRO D 130 -14.38 0.57 23.70
N VAL D 131 -14.83 1.81 23.83
CA VAL D 131 -16.13 2.15 23.29
C VAL D 131 -16.08 2.18 21.78
N SER D 132 -14.97 2.63 21.22
CA SER D 132 -14.90 2.78 19.75
C SER D 132 -14.98 1.48 18.97
N SER D 133 -14.62 0.39 19.62
CA SER D 133 -14.71 -0.93 19.01
C SER D 133 -16.11 -1.54 19.19
N GLN D 134 -17.08 -0.76 19.69
CA GLN D 134 -18.42 -1.28 19.88
C GLN D 134 -19.45 -0.53 19.08
N LEU D 135 -19.01 0.50 18.36
CA LEU D 135 -19.92 1.41 17.64
C LEU D 135 -19.59 1.39 16.13
N ARG D 136 -20.59 1.72 15.33
CA ARG D 136 -20.44 2.06 13.96
C ARG D 136 -20.79 3.55 13.92
N VAL D 137 -20.09 4.30 13.11
CA VAL D 137 -20.29 5.73 13.00
C VAL D 137 -20.65 6.05 11.54
N LEU D 138 -21.57 6.98 11.34
CA LEU D 138 -22.01 7.45 10.02
C LEU D 138 -22.21 8.98 10.21
N THR D 139 -21.81 9.83 9.27
CA THR D 139 -22.22 11.21 9.32
C THR D 139 -23.36 11.48 8.34
N LEU D 140 -24.22 12.39 8.70
CA LEU D 140 -25.42 12.75 7.94
C LEU D 140 -25.49 14.27 7.78
N SER D 141 -25.22 14.75 6.59
CA SER D 141 -25.11 16.18 6.33
C SER D 141 -26.50 16.84 6.17
N GLU D 142 -26.44 18.13 5.96
CA GLU D 142 -27.61 18.99 5.61
C GLU D 142 -28.01 18.93 4.12
N ASP D 143 -27.31 18.14 3.33
CA ASP D 143 -27.72 17.96 1.94
C ASP D 143 -29.09 17.29 1.89
N SER D 144 -29.78 17.38 0.75
CA SER D 144 -30.98 16.59 0.54
C SER D 144 -30.70 15.18 0.99
N PRO D 145 -31.59 14.61 1.79
CA PRO D 145 -31.46 13.21 2.10
C PRO D 145 -31.37 12.23 0.92
N TYR D 146 -31.98 12.58 -0.22
CA TYR D 146 -31.84 11.77 -1.37
C TYR D 146 -30.44 11.75 -1.83
N GLU D 147 -29.77 12.89 -1.82
CA GLU D 147 -28.34 12.93 -2.21
C GLU D 147 -27.42 12.17 -1.25
N THR D 148 -27.59 12.42 0.03
CA THR D 148 -26.77 11.76 1.06
C THR D 148 -26.92 10.21 1.01
N LEU D 149 -28.15 9.74 0.93
CA LEU D 149 -28.37 8.30 0.85
C LEU D 149 -27.91 7.70 -0.48
N HIS D 150 -28.21 8.37 -1.59
CA HIS D 150 -27.64 7.95 -2.86
C HIS D 150 -26.13 7.75 -2.76
N SER D 151 -25.42 8.76 -2.20
CA SER D 151 -23.99 8.69 -2.03
C SER D 151 -23.52 7.53 -1.19
N PHE D 152 -24.14 7.33 -0.01
CA PHE D 152 -23.79 6.15 0.81
C PHE D 152 -24.10 4.84 0.10
N ILE D 153 -25.24 4.73 -0.57
CA ILE D 153 -25.55 3.45 -1.25
C ILE D 153 -24.58 3.18 -2.44
N SER D 154 -24.41 4.18 -3.27
CA SER D 154 -23.57 4.09 -4.50
C SER D 154 -22.07 3.95 -4.25
N ASN D 155 -21.56 4.69 -3.25
CA ASN D 155 -20.13 4.75 -3.03
C ASN D 155 -19.63 3.87 -1.93
N ALA D 156 -20.51 3.38 -1.04
CA ALA D 156 -20.05 2.54 0.09
C ALA D 156 -20.75 1.18 0.12
N VAL D 157 -22.05 1.14 0.24
CA VAL D 157 -22.80 -0.12 0.41
C VAL D 157 -22.61 -1.03 -0.82
N ALA D 158 -22.82 -0.49 -2.03
CA ALA D 158 -22.71 -1.30 -3.27
C ALA D 158 -21.33 -1.94 -3.47
N PRO D 159 -20.23 -1.15 -3.42
CA PRO D 159 -18.94 -1.81 -3.57
C PRO D 159 -18.55 -2.67 -2.41
N PHE D 160 -18.99 -2.33 -1.18
CA PHE D 160 -18.58 -3.17 -0.06
C PHE D 160 -19.27 -4.57 -0.18
N PHE D 161 -20.56 -4.59 -0.51
CA PHE D 161 -21.30 -5.82 -0.75
C PHE D 161 -20.66 -6.69 -1.92
N LYS D 162 -20.46 -6.04 -3.05
CA LYS D 162 -19.80 -6.71 -4.22
C LYS D 162 -18.45 -7.25 -3.89
N SER D 163 -17.66 -6.52 -3.10
CA SER D 163 -16.33 -6.97 -2.72
C SER D 163 -16.37 -8.28 -1.93
N TYR D 164 -17.43 -8.47 -1.15
CA TYR D 164 -17.58 -9.67 -0.35
C TYR D 164 -18.09 -10.85 -1.19
N ILE D 165 -19.16 -10.64 -1.98
CA ILE D 165 -19.81 -11.75 -2.64
C ILE D 165 -19.08 -12.22 -3.89
N ARG D 166 -18.28 -11.35 -4.51
CA ARG D 166 -17.50 -11.72 -5.70
C ARG D 166 -16.33 -12.55 -5.21
N MSE D 178 -29.69 -16.00 -3.11
CA MSE D 178 -30.22 -14.76 -2.55
C MSE D 178 -29.22 -13.60 -2.72
O MSE D 178 -29.64 -12.45 -2.81
CB MSE D 178 -30.70 -15.05 -1.11
CG MSE D 178 -30.96 -13.91 -0.12
SE MSE D 178 -32.83 -13.21 -0.06
CE MSE D 178 -33.66 -14.85 0.69
N ALA D 179 -27.92 -13.86 -2.76
CA ALA D 179 -26.91 -12.77 -2.88
C ALA D 179 -27.04 -11.95 -4.17
N PRO D 180 -27.22 -12.62 -5.32
CA PRO D 180 -27.47 -11.86 -6.55
C PRO D 180 -28.76 -11.06 -6.46
N SER D 181 -29.80 -11.61 -5.87
CA SER D 181 -31.03 -10.84 -5.74
C SER D 181 -30.80 -9.52 -4.84
N VAL D 182 -30.00 -9.62 -3.82
CA VAL D 182 -29.67 -8.47 -2.98
C VAL D 182 -28.78 -7.45 -3.71
N GLU D 183 -27.82 -7.93 -4.48
CA GLU D 183 -27.05 -7.01 -5.38
C GLU D 183 -27.97 -6.19 -6.26
N LYS D 184 -28.97 -6.83 -6.79
CA LYS D 184 -29.90 -6.16 -7.69
C LYS D 184 -30.77 -5.14 -6.92
N LYS D 185 -31.21 -5.51 -5.72
CA LYS D 185 -31.99 -4.59 -4.92
C LYS D 185 -31.13 -3.35 -4.57
N ILE D 186 -29.87 -3.55 -4.23
CA ILE D 186 -28.97 -2.35 -4.02
C ILE D 186 -28.94 -1.43 -5.25
N ALA D 187 -28.79 -2.02 -6.43
CA ALA D 187 -28.83 -1.26 -7.68
C ALA D 187 -30.13 -0.53 -7.89
N GLU D 188 -31.23 -1.20 -7.60
CA GLU D 188 -32.52 -0.58 -7.75
C GLU D 188 -32.71 0.49 -6.74
N LEU D 189 -32.21 0.31 -5.53
CA LEU D 189 -32.34 1.39 -4.55
C LEU D 189 -31.49 2.62 -4.97
N GLU D 190 -30.32 2.35 -5.51
CA GLU D 190 -29.42 3.43 -5.96
C GLU D 190 -30.10 4.29 -7.01
N MSE D 191 -30.73 3.64 -8.01
CA MSE D 191 -31.45 4.33 -9.09
C MSE D 191 -32.63 5.11 -8.62
O MSE D 191 -32.87 6.26 -9.05
CB MSE D 191 -31.97 3.25 -10.10
CG MSE D 191 -32.86 3.85 -11.17
SE MSE D 191 -32.67 2.88 -12.89
CE MSE D 191 -31.85 1.09 -12.55
N GLY D 192 -33.40 4.49 -7.73
CA GLY D 192 -34.52 5.16 -7.09
C GLY D 192 -34.11 6.48 -6.42
N LEU D 193 -33.04 6.37 -5.64
CA LEU D 193 -32.56 7.55 -4.94
C LEU D 193 -32.01 8.60 -5.91
N LEU D 194 -31.33 8.14 -6.92
CA LEU D 194 -30.84 9.06 -7.96
C LEU D 194 -32.00 9.82 -8.63
N HIS D 195 -33.08 9.13 -8.94
CA HIS D 195 -34.27 9.77 -9.51
C HIS D 195 -34.83 10.82 -8.61
N LEU D 196 -35.03 10.47 -7.32
CA LEU D 196 -35.54 11.45 -6.34
C LEU D 196 -34.62 12.64 -6.24
N GLN D 197 -33.33 12.41 -6.28
CA GLN D 197 -32.38 13.49 -6.18
C GLN D 197 -32.46 14.44 -7.40
N GLN D 198 -32.51 13.84 -8.58
CA GLN D 198 -32.64 14.60 -9.84
C GLN D 198 -33.95 15.40 -9.96
N ASN D 199 -34.99 15.00 -9.24
CA ASN D 199 -36.34 15.54 -9.38
C ASN D 199 -36.77 16.53 -8.36
N ILE D 200 -35.78 17.25 -7.86
CA ILE D 200 -35.95 18.36 -6.93
C ILE D 200 -36.23 19.65 -7.72
C1 GOL E . 2.13 -3.33 16.49
O1 GOL E . 1.29 -4.16 15.80
C2 GOL E . 3.22 -3.74 15.59
O2 GOL E . 4.42 -3.67 16.40
C3 GOL E . 3.10 -3.00 14.24
O3 GOL E . 2.12 -1.97 14.12
C1 GOL F . -31.10 -4.61 13.82
O1 GOL F . -32.03 -3.60 13.28
C2 GOL F . -29.57 -4.32 13.70
O2 GOL F . -29.10 -3.80 14.96
C3 GOL F . -28.71 -5.57 13.36
O3 GOL F . -27.81 -5.57 12.19
C1 GOL G . -10.15 25.85 6.52
O1 GOL G . -9.92 24.73 7.39
C2 GOL G . -9.27 25.69 5.30
O2 GOL G . -9.67 26.65 4.33
C3 GOL G . -7.80 25.88 5.65
O3 GOL G . -7.52 27.28 5.88
MG MG H . -8.64 0.11 -0.31
MG MG I . 2.11 1.16 15.50
MG MG J . -8.33 -6.71 13.32
MG MG K . -6.73 27.67 7.99
MG MG L . -25.06 3.37 4.78
MG MG M . 6.83 5.04 0.05
MG MG N . -17.97 13.88 7.71
MG MG O . -32.46 -17.11 6.17
CA CA P . 0.77 -0.47 2.13
C1 GOL Q . 26.67 -33.26 -10.69
O1 GOL Q . 26.06 -33.93 -11.81
C2 GOL Q . 26.58 -31.71 -10.80
O2 GOL Q . 25.97 -31.20 -12.03
C3 GOL Q . 27.98 -31.12 -10.72
O3 GOL Q . 27.94 -29.96 -9.94
C1 GOL R . 33.70 3.89 -5.15
O1 GOL R . 34.75 4.83 -4.82
C2 GOL R . 32.55 3.65 -4.14
O2 GOL R . 31.67 2.67 -4.70
C3 GOL R . 32.93 3.15 -2.75
O3 GOL R . 33.16 1.74 -2.80
C1 GOL S . 11.05 -6.72 -25.34
O1 GOL S . 11.87 -7.73 -24.74
C2 GOL S . 11.88 -5.86 -26.32
O2 GOL S . 12.39 -6.64 -27.42
C3 GOL S . 11.05 -4.71 -26.88
O3 GOL S . 11.11 -3.61 -25.95
MG MG T . 36.03 2.32 -3.34
MG MG U . 12.23 3.68 -19.86
MG MG V . 15.48 8.75 -19.58
MG MG W . 27.34 -21.63 6.16
MG MG X . 17.60 -1.94 -35.31
MG MG Y . 20.64 12.91 -4.18
MG MG Z . 34.40 -13.68 -13.32
MG MG AA . 18.51 8.25 -29.44
NA NA BA . 37.18 -22.47 -10.92
C1 GOL CA . 9.58 -3.21 13.70
O1 GOL CA . 9.51 -1.85 13.38
C2 GOL CA . 8.17 -3.23 14.16
O2 GOL CA . 8.13 -2.49 15.48
C3 GOL CA . 7.34 -2.67 12.96
O3 GOL CA . 7.71 -3.34 11.75
C1 GOL DA . 33.04 3.76 -8.68
O1 GOL DA . 33.36 3.25 -10.03
C2 GOL DA . 31.67 3.36 -7.99
O2 GOL DA . 31.93 2.30 -7.04
C3 GOL DA . 30.94 4.56 -7.27
O3 GOL DA . 29.49 4.76 -7.32
MG MG EA . 8.11 -6.81 11.64
MG MG FA . 15.69 2.69 6.11
MG MG GA . 6.43 -7.74 -22.21
MG MG HA . 21.62 -1.66 -13.73
MG MG IA . 1.38 -21.33 -9.82
MG MG JA . 6.22 -1.49 -15.93
MG MG KA . 5.94 -15.46 -21.26
C1 GOL LA . -23.50 29.35 20.94
O1 GOL LA . -23.48 27.98 20.57
C2 GOL LA . -22.68 30.21 20.00
O2 GOL LA . -23.11 30.08 18.60
C3 GOL LA . -22.84 31.64 20.58
O3 GOL LA . -22.54 32.59 19.56
MG MG MA . -20.67 27.05 21.66
MG MG NA . -32.32 21.76 11.17
MG MG OA . -29.81 -5.38 19.86
CA CA PA . -32.05 20.06 23.46
K K QA . -34.48 17.09 23.73
#